data_2FBU
# 
_entry.id   2FBU 
# 
_audit_conform.dict_name       mmcif_pdbx.dic 
_audit_conform.dict_version    5.392 
_audit_conform.dict_location   http://mmcif.pdb.org/dictionaries/ascii/mmcif_pdbx.dic 
# 
loop_
_database_2.database_id 
_database_2.database_code 
_database_2.pdbx_database_accession 
_database_2.pdbx_DOI 
PDB   2FBU         pdb_00002fbu 10.2210/pdb2fbu/pdb 
RCSB  RCSB035692   ?            ?                   
WWPDB D_1000035692 ?            ?                   
# 
loop_
_pdbx_audit_revision_history.ordinal 
_pdbx_audit_revision_history.data_content_type 
_pdbx_audit_revision_history.major_revision 
_pdbx_audit_revision_history.minor_revision 
_pdbx_audit_revision_history.revision_date 
1 'Structure model' 1 0 2006-05-23 
2 'Structure model' 1 1 2008-05-01 
3 'Structure model' 1 2 2011-07-13 
4 'Structure model' 1 3 2022-03-09 
5 'Structure model' 1 4 2024-05-29 
# 
_pdbx_audit_revision_details.ordinal             1 
_pdbx_audit_revision_details.revision_ordinal    1 
_pdbx_audit_revision_details.data_content_type   'Structure model' 
_pdbx_audit_revision_details.provider            repository 
_pdbx_audit_revision_details.type                'Initial release' 
_pdbx_audit_revision_details.description         ? 
_pdbx_audit_revision_details.details             ? 
# 
loop_
_pdbx_audit_revision_group.ordinal 
_pdbx_audit_revision_group.revision_ordinal 
_pdbx_audit_revision_group.data_content_type 
_pdbx_audit_revision_group.group 
1 2 'Structure model' 'Version format compliance' 
2 3 'Structure model' 'Version format compliance' 
3 4 'Structure model' 'Database references'       
4 4 'Structure model' 'Derived calculations'      
5 5 'Structure model' 'Data collection'           
# 
loop_
_pdbx_audit_revision_category.ordinal 
_pdbx_audit_revision_category.revision_ordinal 
_pdbx_audit_revision_category.data_content_type 
_pdbx_audit_revision_category.category 
1 4 'Structure model' database_2            
2 4 'Structure model' pdbx_struct_assembly  
3 4 'Structure model' pdbx_struct_oper_list 
4 5 'Structure model' chem_comp_atom        
5 5 'Structure model' chem_comp_bond        
# 
loop_
_pdbx_audit_revision_item.ordinal 
_pdbx_audit_revision_item.revision_ordinal 
_pdbx_audit_revision_item.data_content_type 
_pdbx_audit_revision_item.item 
1 4 'Structure model' '_database_2.pdbx_DOI'                
2 4 'Structure model' '_database_2.pdbx_database_accession' 
# 
_pdbx_database_status.status_code                     REL 
_pdbx_database_status.entry_id                        2FBU 
_pdbx_database_status.recvd_initial_deposition_date   2005-12-10 
_pdbx_database_status.deposit_site                    RCSB 
_pdbx_database_status.process_site                    RCSB 
_pdbx_database_status.status_code_sf                  ? 
_pdbx_database_status.status_code_mr                  REL 
_pdbx_database_status.SG_entry                        N 
_pdbx_database_status.pdb_format_compatible           Y 
_pdbx_database_status.status_code_cs                  ? 
_pdbx_database_status.status_code_nmr_data            ? 
_pdbx_database_status.methods_development_category    ? 
# 
loop_
_pdbx_database_related.db_name 
_pdbx_database_related.db_id 
_pdbx_database_related.details 
_pdbx_database_related.content_type 
PDB 1VM5 . unspecified 
PDB 2F3A . unspecified 
PDB 2FBS . unspecified 
PDB 2FCG . unspecified 
# 
loop_
_audit_author.name 
_audit_author.pdbx_ordinal 
'Wang, G.' 1 
'Li, X.'   2 
# 
_citation.id                        primary 
_citation.title                     
;Solution Structures of Human LL-37 Fragments and NMR-Based Identification of a Minimal Membrane-Targeting Antimicrobial and Anticancer Region
;
_citation.journal_abbrev            J.Am.Chem.Soc. 
_citation.journal_volume            128 
_citation.page_first                5776 
_citation.page_last                 5785 
_citation.year                      2006 
_citation.journal_id_ASTM           JACSAT 
_citation.country                   US 
_citation.journal_id_ISSN           0002-7863 
_citation.journal_id_CSD            0004 
_citation.book_publisher            ? 
_citation.pdbx_database_id_PubMed   16637646 
_citation.pdbx_database_id_DOI      10.1021/ja0584875 
# 
loop_
_citation_author.citation_id 
_citation_author.name 
_citation_author.ordinal 
_citation_author.identifier_ORCID 
primary 'Li, X.'       1 ? 
primary 'Li, Y.'       2 ? 
primary 'Han, H.'      3 ? 
primary 'Miller, D.W.' 4 ? 
primary 'Wang, G.'     5 ? 
# 
_entity.id                         1 
_entity.type                       polymer 
_entity.src_method                 syn 
_entity.pdbx_description           'Antibacterial protein FALL-39, core peptide' 
_entity.formula_weight             1471.743 
_entity.pdbx_number_of_molecules   1 
_entity.pdbx_ec                    ? 
_entity.pdbx_mutation              ? 
_entity.pdbx_fragment              'residues 134-145' 
_entity.details                    ? 
# 
_entity_name_com.entity_id   1 
_entity_name_com.name        'FALL-39 peptide antibiotic; Cationic antimicrobial protein CAP-18; hCAP-18' 
# 
_entity_poly.entity_id                      1 
_entity_poly.type                           'polypeptide(L)' 
_entity_poly.nstd_linkage                   no 
_entity_poly.nstd_monomer                   no 
_entity_poly.pdbx_seq_one_letter_code       LLGDFFRKSKEK 
_entity_poly.pdbx_seq_one_letter_code_can   LLGDFFRKSKEK 
_entity_poly.pdbx_strand_id                 H 
_entity_poly.pdbx_target_identifier         ? 
# 
loop_
_entity_poly_seq.entity_id 
_entity_poly_seq.num 
_entity_poly_seq.mon_id 
_entity_poly_seq.hetero 
1 1  LEU n 
1 2  LEU n 
1 3  GLY n 
1 4  ASP n 
1 5  PHE n 
1 6  PHE n 
1 7  ARG n 
1 8  LYS n 
1 9  SER n 
1 10 LYS n 
1 11 GLU n 
1 12 LYS n 
# 
_pdbx_entity_src_syn.entity_id              1 
_pdbx_entity_src_syn.pdbx_src_id            1 
_pdbx_entity_src_syn.pdbx_alt_source_flag   sample 
_pdbx_entity_src_syn.pdbx_beg_seq_num       ? 
_pdbx_entity_src_syn.pdbx_end_seq_num       ? 
_pdbx_entity_src_syn.organism_scientific    ? 
_pdbx_entity_src_syn.organism_common_name   ? 
_pdbx_entity_src_syn.ncbi_taxonomy_id       ? 
_pdbx_entity_src_syn.details                'sequence corresponds to residues 134-145 of Human FALL-39' 
# 
loop_
_chem_comp.id 
_chem_comp.type 
_chem_comp.mon_nstd_flag 
_chem_comp.name 
_chem_comp.pdbx_synonyms 
_chem_comp.formula 
_chem_comp.formula_weight 
ARG 'L-peptide linking' y ARGININE        ? 'C6 H15 N4 O2 1' 175.209 
ASP 'L-peptide linking' y 'ASPARTIC ACID' ? 'C4 H7 N O4'     133.103 
GLU 'L-peptide linking' y 'GLUTAMIC ACID' ? 'C5 H9 N O4'     147.129 
GLY 'peptide linking'   y GLYCINE         ? 'C2 H5 N O2'     75.067  
LEU 'L-peptide linking' y LEUCINE         ? 'C6 H13 N O2'    131.173 
LYS 'L-peptide linking' y LYSINE          ? 'C6 H15 N2 O2 1' 147.195 
PHE 'L-peptide linking' y PHENYLALANINE   ? 'C9 H11 N O2'    165.189 
SER 'L-peptide linking' y SERINE          ? 'C3 H7 N O3'     105.093 
# 
loop_
_pdbx_poly_seq_scheme.asym_id 
_pdbx_poly_seq_scheme.entity_id 
_pdbx_poly_seq_scheme.seq_id 
_pdbx_poly_seq_scheme.mon_id 
_pdbx_poly_seq_scheme.ndb_seq_num 
_pdbx_poly_seq_scheme.pdb_seq_num 
_pdbx_poly_seq_scheme.auth_seq_num 
_pdbx_poly_seq_scheme.pdb_mon_id 
_pdbx_poly_seq_scheme.auth_mon_id 
_pdbx_poly_seq_scheme.pdb_strand_id 
_pdbx_poly_seq_scheme.pdb_ins_code 
_pdbx_poly_seq_scheme.hetero 
A 1 1  LEU 1  1  1  LEU LEU H . n 
A 1 2  LEU 2  2  2  LEU LEU H . n 
A 1 3  GLY 3  3  3  GLY GLY H . n 
A 1 4  ASP 4  4  4  ASP ASP H . n 
A 1 5  PHE 5  5  5  PHE PHE H . n 
A 1 6  PHE 6  6  6  PHE PHE H . n 
A 1 7  ARG 7  7  7  ARG ARG H . n 
A 1 8  LYS 8  8  8  LYS LYS H . n 
A 1 9  SER 9  9  9  SER SER H . n 
A 1 10 LYS 10 10 10 LYS LYS H . n 
A 1 11 GLU 11 11 11 GLU GLU H . n 
A 1 12 LYS 12 12 12 LYS LYS H . n 
# 
_exptl.entry_id          2FBU 
_exptl.method            'SOLUTION NMR' 
_exptl.crystals_number   ? 
# 
_struct.entry_id                  2FBU 
_struct.title                     'Solution structure of the N-terminal fragment of human LL-37' 
_struct.pdbx_model_details        ? 
_struct.pdbx_CASP_flag            ? 
_struct.pdbx_model_type_details   ? 
# 
_struct_keywords.entry_id        2FBU 
_struct_keywords.pdbx_keywords   'ANTIMICROBIAL PROTEIN' 
_struct_keywords.text            
'LL-37; host defense peptide; antimicrobial peptide; aggregation; aromatic-aromatic interaction, ANTIMICROBIAL PROTEIN' 
# 
_struct_asym.id                            A 
_struct_asym.pdbx_blank_PDB_chainid_flag   N 
_struct_asym.pdbx_modified                 N 
_struct_asym.entity_id                     1 
_struct_asym.details                       ? 
# 
_struct_ref.id                         1 
_struct_ref.db_name                    UNP 
_struct_ref.db_code                    FAL39_HUMAN 
_struct_ref.pdbx_db_accession          P49913 
_struct_ref.entity_id                  1 
_struct_ref.pdbx_seq_one_letter_code   LLGDFFRKSKEK 
_struct_ref.pdbx_align_begin           134 
_struct_ref.pdbx_db_isoform            ? 
# 
_struct_ref_seq.align_id                      1 
_struct_ref_seq.ref_id                        1 
_struct_ref_seq.pdbx_PDB_id_code              2FBU 
_struct_ref_seq.pdbx_strand_id                H 
_struct_ref_seq.seq_align_beg                 1 
_struct_ref_seq.pdbx_seq_align_beg_ins_code   ? 
_struct_ref_seq.seq_align_end                 12 
_struct_ref_seq.pdbx_seq_align_end_ins_code   ? 
_struct_ref_seq.pdbx_db_accession             P49913 
_struct_ref_seq.db_align_beg                  134 
_struct_ref_seq.pdbx_db_align_beg_ins_code    ? 
_struct_ref_seq.db_align_end                  145 
_struct_ref_seq.pdbx_db_align_end_ins_code    ? 
_struct_ref_seq.pdbx_auth_seq_align_beg       1 
_struct_ref_seq.pdbx_auth_seq_align_end       12 
# 
_pdbx_struct_assembly.id                   1 
_pdbx_struct_assembly.details              author_defined_assembly 
_pdbx_struct_assembly.method_details       ? 
_pdbx_struct_assembly.oligomeric_details   monomeric 
_pdbx_struct_assembly.oligomeric_count     1 
# 
_pdbx_struct_assembly_gen.assembly_id       1 
_pdbx_struct_assembly_gen.oper_expression   1 
_pdbx_struct_assembly_gen.asym_id_list      A 
# 
_pdbx_struct_oper_list.id                   1 
_pdbx_struct_oper_list.type                 'identity operation' 
_pdbx_struct_oper_list.name                 1_555 
_pdbx_struct_oper_list.symmetry_operation   x,y,z 
_pdbx_struct_oper_list.matrix[1][1]         1.0000000000 
_pdbx_struct_oper_list.matrix[1][2]         0.0000000000 
_pdbx_struct_oper_list.matrix[1][3]         0.0000000000 
_pdbx_struct_oper_list.vector[1]            0.0000000000 
_pdbx_struct_oper_list.matrix[2][1]         0.0000000000 
_pdbx_struct_oper_list.matrix[2][2]         1.0000000000 
_pdbx_struct_oper_list.matrix[2][3]         0.0000000000 
_pdbx_struct_oper_list.vector[2]            0.0000000000 
_pdbx_struct_oper_list.matrix[3][1]         0.0000000000 
_pdbx_struct_oper_list.matrix[3][2]         0.0000000000 
_pdbx_struct_oper_list.matrix[3][3]         1.0000000000 
_pdbx_struct_oper_list.vector[3]            0.0000000000 
# 
_struct_biol.id        1 
_struct_biol.details   ? 
# 
_struct_conf.conf_type_id            HELX_P 
_struct_conf.id                      HELX_P1 
_struct_conf.pdbx_PDB_helix_id       1 
_struct_conf.beg_label_comp_id       LEU 
_struct_conf.beg_label_asym_id       A 
_struct_conf.beg_label_seq_id        2 
_struct_conf.pdbx_beg_PDB_ins_code   ? 
_struct_conf.end_label_comp_id       LYS 
_struct_conf.end_label_asym_id       A 
_struct_conf.end_label_seq_id        8 
_struct_conf.pdbx_end_PDB_ins_code   ? 
_struct_conf.beg_auth_comp_id        LEU 
_struct_conf.beg_auth_asym_id        H 
_struct_conf.beg_auth_seq_id         2 
_struct_conf.end_auth_comp_id        LYS 
_struct_conf.end_auth_asym_id        H 
_struct_conf.end_auth_seq_id         8 
_struct_conf.pdbx_PDB_helix_class    1 
_struct_conf.details                 ? 
_struct_conf.pdbx_PDB_helix_length   7 
# 
_struct_conf_type.id          HELX_P 
_struct_conf_type.criteria    ? 
_struct_conf_type.reference   ? 
# 
loop_
_pdbx_validate_close_contact.id 
_pdbx_validate_close_contact.PDB_model_num 
_pdbx_validate_close_contact.auth_atom_id_1 
_pdbx_validate_close_contact.auth_asym_id_1 
_pdbx_validate_close_contact.auth_comp_id_1 
_pdbx_validate_close_contact.auth_seq_id_1 
_pdbx_validate_close_contact.PDB_ins_code_1 
_pdbx_validate_close_contact.label_alt_id_1 
_pdbx_validate_close_contact.auth_atom_id_2 
_pdbx_validate_close_contact.auth_asym_id_2 
_pdbx_validate_close_contact.auth_comp_id_2 
_pdbx_validate_close_contact.auth_seq_id_2 
_pdbx_validate_close_contact.PDB_ins_code_2 
_pdbx_validate_close_contact.label_alt_id_2 
_pdbx_validate_close_contact.dist 
1 1 O H ASP 4 ? ? H H LYS 8 ? ? 1.58 
2 2 O H LEU 2 ? ? H H PHE 5 ? ? 1.55 
3 3 O H PHE 5 ? ? H H LYS 8 ? ? 1.55 
# 
loop_
_pdbx_validate_torsion.id 
_pdbx_validate_torsion.PDB_model_num 
_pdbx_validate_torsion.auth_comp_id 
_pdbx_validate_torsion.auth_asym_id 
_pdbx_validate_torsion.auth_seq_id 
_pdbx_validate_torsion.PDB_ins_code 
_pdbx_validate_torsion.label_alt_id 
_pdbx_validate_torsion.phi 
_pdbx_validate_torsion.psi 
1  1 LEU H 2  ? ? -161.22 -64.97  
2  1 LYS H 8  ? ? -174.96 132.19  
3  1 LYS H 10 ? ? -169.80 -66.99  
4  1 GLU H 11 ? ? -76.57  -118.38 
5  2 LEU H 2  ? ? -142.83 -65.08  
6  2 LYS H 10 ? ? -168.91 65.04   
7  2 GLU H 11 ? ? -78.69  -118.42 
8  3 LYS H 8  ? ? -1.84   112.98  
9  3 LYS H 10 ? ? 74.58   74.18   
10 3 GLU H 11 ? ? -78.23  -111.00 
11 4 LYS H 10 ? ? -155.60 -75.38  
12 4 GLU H 11 ? ? -63.53  -151.08 
13 5 LEU H 2  ? ? -165.91 -65.05  
14 5 LYS H 8  ? ? 74.69   144.34  
15 5 LYS H 10 ? ? 73.42   71.53   
16 5 GLU H 11 ? ? -83.49  -132.16 
# 
_pdbx_nmr_ensemble.entry_id                                      2FBU 
_pdbx_nmr_ensemble.conformers_calculated_total_number            100 
_pdbx_nmr_ensemble.conformers_submitted_total_number             5 
_pdbx_nmr_ensemble.conformer_selection_criteria                  'aromatic-aromatic interaction' 
_pdbx_nmr_ensemble.average_constraints_per_residue               ? 
_pdbx_nmr_ensemble.average_constraint_violations_per_residue     ? 
_pdbx_nmr_ensemble.maximum_distance_constraint_violation         ? 
_pdbx_nmr_ensemble.average_distance_constraint_violation         ? 
_pdbx_nmr_ensemble.maximum_upper_distance_constraint_violation   ? 
_pdbx_nmr_ensemble.maximum_lower_distance_constraint_violation   ? 
_pdbx_nmr_ensemble.distance_constraint_violation_method          ? 
_pdbx_nmr_ensemble.maximum_torsion_angle_constraint_violation    ? 
_pdbx_nmr_ensemble.average_torsion_angle_constraint_violation    ? 
_pdbx_nmr_ensemble.torsion_angle_constraint_violation_method     ? 
# 
_pdbx_nmr_representative.entry_id             2FBU 
_pdbx_nmr_representative.conformer_id         1 
_pdbx_nmr_representative.selection_criteria   'lowest energy' 
# 
_pdbx_nmr_sample_details.solution_id      1 
_pdbx_nmr_sample_details.contents         '2 mM peptide and 80 mM SDS' 
_pdbx_nmr_sample_details.solvent_system   '10% D2O/90% H2O' 
# 
_pdbx_nmr_exptl_sample_conditions.conditions_id       1 
_pdbx_nmr_exptl_sample_conditions.temperature         288 
_pdbx_nmr_exptl_sample_conditions.pressure            1 
_pdbx_nmr_exptl_sample_conditions.pH                  5.4 
_pdbx_nmr_exptl_sample_conditions.ionic_strength      80 
_pdbx_nmr_exptl_sample_conditions.pressure_units      atm 
_pdbx_nmr_exptl_sample_conditions.temperature_units   K 
# 
loop_
_pdbx_nmr_exptl.experiment_id 
_pdbx_nmr_exptl.conditions_id 
_pdbx_nmr_exptl.type 
_pdbx_nmr_exptl.solution_id 
1 1 '2D NOESY'       1 
2 1 '2D TOCSY'       1 
3 1 DQF-COSY         1 
4 1 '(H1, H13) HSQC' 1 
5 1 '(H1, N15) HSQC' 1 
# 
_pdbx_nmr_details.entry_id   2FBU 
_pdbx_nmr_details.text       'A set of NMR data was also collected at 298 K' 
# 
_pdbx_nmr_refine.entry_id           2FBU 
_pdbx_nmr_refine.method             'simulated annealing' 
_pdbx_nmr_refine.details            ? 
_pdbx_nmr_refine.software_ordinal   1 
# 
loop_
_pdbx_nmr_software.classification 
_pdbx_nmr_software.name 
_pdbx_nmr_software.version 
_pdbx_nmr_software.authors 
_pdbx_nmr_software.ordinal 
'structure solution' Xplor-NIH 1.0  'GM Clore et  al.'                   1 
'data analysis'      PIPP      1    'Dan Garrett'                        2 
processing           NMRPipe   2.1  'Frank Delaglio'                     3 
refinement           TALOS     1999 'Cornilescu, Frank Delaglio, Ad Bax' 4 
# 
loop_
_chem_comp_atom.comp_id 
_chem_comp_atom.atom_id 
_chem_comp_atom.type_symbol 
_chem_comp_atom.pdbx_aromatic_flag 
_chem_comp_atom.pdbx_stereo_config 
_chem_comp_atom.pdbx_ordinal 
ARG N    N N N 1   
ARG CA   C N S 2   
ARG C    C N N 3   
ARG O    O N N 4   
ARG CB   C N N 5   
ARG CG   C N N 6   
ARG CD   C N N 7   
ARG NE   N N N 8   
ARG CZ   C N N 9   
ARG NH1  N N N 10  
ARG NH2  N N N 11  
ARG OXT  O N N 12  
ARG H    H N N 13  
ARG H2   H N N 14  
ARG HA   H N N 15  
ARG HB2  H N N 16  
ARG HB3  H N N 17  
ARG HG2  H N N 18  
ARG HG3  H N N 19  
ARG HD2  H N N 20  
ARG HD3  H N N 21  
ARG HE   H N N 22  
ARG HH11 H N N 23  
ARG HH12 H N N 24  
ARG HH21 H N N 25  
ARG HH22 H N N 26  
ARG HXT  H N N 27  
ASP N    N N N 28  
ASP CA   C N S 29  
ASP C    C N N 30  
ASP O    O N N 31  
ASP CB   C N N 32  
ASP CG   C N N 33  
ASP OD1  O N N 34  
ASP OD2  O N N 35  
ASP OXT  O N N 36  
ASP H    H N N 37  
ASP H2   H N N 38  
ASP HA   H N N 39  
ASP HB2  H N N 40  
ASP HB3  H N N 41  
ASP HD2  H N N 42  
ASP HXT  H N N 43  
GLU N    N N N 44  
GLU CA   C N S 45  
GLU C    C N N 46  
GLU O    O N N 47  
GLU CB   C N N 48  
GLU CG   C N N 49  
GLU CD   C N N 50  
GLU OE1  O N N 51  
GLU OE2  O N N 52  
GLU OXT  O N N 53  
GLU H    H N N 54  
GLU H2   H N N 55  
GLU HA   H N N 56  
GLU HB2  H N N 57  
GLU HB3  H N N 58  
GLU HG2  H N N 59  
GLU HG3  H N N 60  
GLU HE2  H N N 61  
GLU HXT  H N N 62  
GLY N    N N N 63  
GLY CA   C N N 64  
GLY C    C N N 65  
GLY O    O N N 66  
GLY OXT  O N N 67  
GLY H    H N N 68  
GLY H2   H N N 69  
GLY HA2  H N N 70  
GLY HA3  H N N 71  
GLY HXT  H N N 72  
LEU N    N N N 73  
LEU CA   C N S 74  
LEU C    C N N 75  
LEU O    O N N 76  
LEU CB   C N N 77  
LEU CG   C N N 78  
LEU CD1  C N N 79  
LEU CD2  C N N 80  
LEU OXT  O N N 81  
LEU H    H N N 82  
LEU H2   H N N 83  
LEU HA   H N N 84  
LEU HB2  H N N 85  
LEU HB3  H N N 86  
LEU HG   H N N 87  
LEU HD11 H N N 88  
LEU HD12 H N N 89  
LEU HD13 H N N 90  
LEU HD21 H N N 91  
LEU HD22 H N N 92  
LEU HD23 H N N 93  
LEU HXT  H N N 94  
LYS N    N N N 95  
LYS CA   C N S 96  
LYS C    C N N 97  
LYS O    O N N 98  
LYS CB   C N N 99  
LYS CG   C N N 100 
LYS CD   C N N 101 
LYS CE   C N N 102 
LYS NZ   N N N 103 
LYS OXT  O N N 104 
LYS H    H N N 105 
LYS H2   H N N 106 
LYS HA   H N N 107 
LYS HB2  H N N 108 
LYS HB3  H N N 109 
LYS HG2  H N N 110 
LYS HG3  H N N 111 
LYS HD2  H N N 112 
LYS HD3  H N N 113 
LYS HE2  H N N 114 
LYS HE3  H N N 115 
LYS HZ1  H N N 116 
LYS HZ2  H N N 117 
LYS HZ3  H N N 118 
LYS HXT  H N N 119 
PHE N    N N N 120 
PHE CA   C N S 121 
PHE C    C N N 122 
PHE O    O N N 123 
PHE CB   C N N 124 
PHE CG   C Y N 125 
PHE CD1  C Y N 126 
PHE CD2  C Y N 127 
PHE CE1  C Y N 128 
PHE CE2  C Y N 129 
PHE CZ   C Y N 130 
PHE OXT  O N N 131 
PHE H    H N N 132 
PHE H2   H N N 133 
PHE HA   H N N 134 
PHE HB2  H N N 135 
PHE HB3  H N N 136 
PHE HD1  H N N 137 
PHE HD2  H N N 138 
PHE HE1  H N N 139 
PHE HE2  H N N 140 
PHE HZ   H N N 141 
PHE HXT  H N N 142 
SER N    N N N 143 
SER CA   C N S 144 
SER C    C N N 145 
SER O    O N N 146 
SER CB   C N N 147 
SER OG   O N N 148 
SER OXT  O N N 149 
SER H    H N N 150 
SER H2   H N N 151 
SER HA   H N N 152 
SER HB2  H N N 153 
SER HB3  H N N 154 
SER HG   H N N 155 
SER HXT  H N N 156 
# 
loop_
_chem_comp_bond.comp_id 
_chem_comp_bond.atom_id_1 
_chem_comp_bond.atom_id_2 
_chem_comp_bond.value_order 
_chem_comp_bond.pdbx_aromatic_flag 
_chem_comp_bond.pdbx_stereo_config 
_chem_comp_bond.pdbx_ordinal 
ARG N   CA   sing N N 1   
ARG N   H    sing N N 2   
ARG N   H2   sing N N 3   
ARG CA  C    sing N N 4   
ARG CA  CB   sing N N 5   
ARG CA  HA   sing N N 6   
ARG C   O    doub N N 7   
ARG C   OXT  sing N N 8   
ARG CB  CG   sing N N 9   
ARG CB  HB2  sing N N 10  
ARG CB  HB3  sing N N 11  
ARG CG  CD   sing N N 12  
ARG CG  HG2  sing N N 13  
ARG CG  HG3  sing N N 14  
ARG CD  NE   sing N N 15  
ARG CD  HD2  sing N N 16  
ARG CD  HD3  sing N N 17  
ARG NE  CZ   sing N N 18  
ARG NE  HE   sing N N 19  
ARG CZ  NH1  sing N N 20  
ARG CZ  NH2  doub N N 21  
ARG NH1 HH11 sing N N 22  
ARG NH1 HH12 sing N N 23  
ARG NH2 HH21 sing N N 24  
ARG NH2 HH22 sing N N 25  
ARG OXT HXT  sing N N 26  
ASP N   CA   sing N N 27  
ASP N   H    sing N N 28  
ASP N   H2   sing N N 29  
ASP CA  C    sing N N 30  
ASP CA  CB   sing N N 31  
ASP CA  HA   sing N N 32  
ASP C   O    doub N N 33  
ASP C   OXT  sing N N 34  
ASP CB  CG   sing N N 35  
ASP CB  HB2  sing N N 36  
ASP CB  HB3  sing N N 37  
ASP CG  OD1  doub N N 38  
ASP CG  OD2  sing N N 39  
ASP OD2 HD2  sing N N 40  
ASP OXT HXT  sing N N 41  
GLU N   CA   sing N N 42  
GLU N   H    sing N N 43  
GLU N   H2   sing N N 44  
GLU CA  C    sing N N 45  
GLU CA  CB   sing N N 46  
GLU CA  HA   sing N N 47  
GLU C   O    doub N N 48  
GLU C   OXT  sing N N 49  
GLU CB  CG   sing N N 50  
GLU CB  HB2  sing N N 51  
GLU CB  HB3  sing N N 52  
GLU CG  CD   sing N N 53  
GLU CG  HG2  sing N N 54  
GLU CG  HG3  sing N N 55  
GLU CD  OE1  doub N N 56  
GLU CD  OE2  sing N N 57  
GLU OE2 HE2  sing N N 58  
GLU OXT HXT  sing N N 59  
GLY N   CA   sing N N 60  
GLY N   H    sing N N 61  
GLY N   H2   sing N N 62  
GLY CA  C    sing N N 63  
GLY CA  HA2  sing N N 64  
GLY CA  HA3  sing N N 65  
GLY C   O    doub N N 66  
GLY C   OXT  sing N N 67  
GLY OXT HXT  sing N N 68  
LEU N   CA   sing N N 69  
LEU N   H    sing N N 70  
LEU N   H2   sing N N 71  
LEU CA  C    sing N N 72  
LEU CA  CB   sing N N 73  
LEU CA  HA   sing N N 74  
LEU C   O    doub N N 75  
LEU C   OXT  sing N N 76  
LEU CB  CG   sing N N 77  
LEU CB  HB2  sing N N 78  
LEU CB  HB3  sing N N 79  
LEU CG  CD1  sing N N 80  
LEU CG  CD2  sing N N 81  
LEU CG  HG   sing N N 82  
LEU CD1 HD11 sing N N 83  
LEU CD1 HD12 sing N N 84  
LEU CD1 HD13 sing N N 85  
LEU CD2 HD21 sing N N 86  
LEU CD2 HD22 sing N N 87  
LEU CD2 HD23 sing N N 88  
LEU OXT HXT  sing N N 89  
LYS N   CA   sing N N 90  
LYS N   H    sing N N 91  
LYS N   H2   sing N N 92  
LYS CA  C    sing N N 93  
LYS CA  CB   sing N N 94  
LYS CA  HA   sing N N 95  
LYS C   O    doub N N 96  
LYS C   OXT  sing N N 97  
LYS CB  CG   sing N N 98  
LYS CB  HB2  sing N N 99  
LYS CB  HB3  sing N N 100 
LYS CG  CD   sing N N 101 
LYS CG  HG2  sing N N 102 
LYS CG  HG3  sing N N 103 
LYS CD  CE   sing N N 104 
LYS CD  HD2  sing N N 105 
LYS CD  HD3  sing N N 106 
LYS CE  NZ   sing N N 107 
LYS CE  HE2  sing N N 108 
LYS CE  HE3  sing N N 109 
LYS NZ  HZ1  sing N N 110 
LYS NZ  HZ2  sing N N 111 
LYS NZ  HZ3  sing N N 112 
LYS OXT HXT  sing N N 113 
PHE N   CA   sing N N 114 
PHE N   H    sing N N 115 
PHE N   H2   sing N N 116 
PHE CA  C    sing N N 117 
PHE CA  CB   sing N N 118 
PHE CA  HA   sing N N 119 
PHE C   O    doub N N 120 
PHE C   OXT  sing N N 121 
PHE CB  CG   sing N N 122 
PHE CB  HB2  sing N N 123 
PHE CB  HB3  sing N N 124 
PHE CG  CD1  doub Y N 125 
PHE CG  CD2  sing Y N 126 
PHE CD1 CE1  sing Y N 127 
PHE CD1 HD1  sing N N 128 
PHE CD2 CE2  doub Y N 129 
PHE CD2 HD2  sing N N 130 
PHE CE1 CZ   doub Y N 131 
PHE CE1 HE1  sing N N 132 
PHE CE2 CZ   sing Y N 133 
PHE CE2 HE2  sing N N 134 
PHE CZ  HZ   sing N N 135 
PHE OXT HXT  sing N N 136 
SER N   CA   sing N N 137 
SER N   H    sing N N 138 
SER N   H2   sing N N 139 
SER CA  C    sing N N 140 
SER CA  CB   sing N N 141 
SER CA  HA   sing N N 142 
SER C   O    doub N N 143 
SER C   OXT  sing N N 144 
SER CB  OG   sing N N 145 
SER CB  HB2  sing N N 146 
SER CB  HB3  sing N N 147 
SER OG  HG   sing N N 148 
SER OXT HXT  sing N N 149 
# 
_pdbx_nmr_spectrometer.spectrometer_id   1 
_pdbx_nmr_spectrometer.model             INOVA 
_pdbx_nmr_spectrometer.manufacturer      Varian 
_pdbx_nmr_spectrometer.field_strength    600 
_pdbx_nmr_spectrometer.type              ? 
# 
_atom_sites.entry_id                    2FBU 
_atom_sites.fract_transf_matrix[1][1]   1.000000 
_atom_sites.fract_transf_matrix[1][2]   0.000000 
_atom_sites.fract_transf_matrix[1][3]   0.000000 
_atom_sites.fract_transf_matrix[2][1]   0.000000 
_atom_sites.fract_transf_matrix[2][2]   1.000000 
_atom_sites.fract_transf_matrix[2][3]   0.000000 
_atom_sites.fract_transf_matrix[3][1]   0.000000 
_atom_sites.fract_transf_matrix[3][2]   0.000000 
_atom_sites.fract_transf_matrix[3][3]   1.000000 
_atom_sites.fract_transf_vector[1]      0.00000 
_atom_sites.fract_transf_vector[2]      0.00000 
_atom_sites.fract_transf_vector[3]      0.00000 
# 
loop_
_atom_type.symbol 
C 
H 
N 
O 
# 
loop_
_atom_site.group_PDB 
_atom_site.id 
_atom_site.type_symbol 
_atom_site.label_atom_id 
_atom_site.label_alt_id 
_atom_site.label_comp_id 
_atom_site.label_asym_id 
_atom_site.label_entity_id 
_atom_site.label_seq_id 
_atom_site.pdbx_PDB_ins_code 
_atom_site.Cartn_x 
_atom_site.Cartn_y 
_atom_site.Cartn_z 
_atom_site.occupancy 
_atom_site.B_iso_or_equiv 
_atom_site.pdbx_formal_charge 
_atom_site.auth_seq_id 
_atom_site.auth_comp_id 
_atom_site.auth_asym_id 
_atom_site.auth_atom_id 
_atom_site.pdbx_PDB_model_num 
ATOM 1    N N    . LEU A 1 1  ? 8.139   5.411   2.420   1.00 0.00 ? 1  LEU H N    1 
ATOM 2    C CA   . LEU A 1 1  ? 7.149   4.641   1.615   1.00 0.00 ? 1  LEU H CA   1 
ATOM 3    C C    . LEU A 1 1  ? 5.805   5.357   1.648   1.00 0.00 ? 1  LEU H C    1 
ATOM 4    O O    . LEU A 1 1  ? 5.403   5.894   2.680   1.00 0.00 ? 1  LEU H O    1 
ATOM 5    C CB   . LEU A 1 1  ? 7.008   3.229   2.196   1.00 0.00 ? 1  LEU H CB   1 
ATOM 6    C CG   . LEU A 1 1  ? 6.573   3.308   3.670   1.00 0.00 ? 1  LEU H CG   1 
ATOM 7    C CD1  . LEU A 1 1  ? 5.066   3.051   3.784   1.00 0.00 ? 1  LEU H CD1  1 
ATOM 8    C CD2  . LEU A 1 1  ? 7.325   2.251   4.484   1.00 0.00 ? 1  LEU H CD2  1 
ATOM 9    H H1   . LEU A 1 1  ? 8.793   4.754   2.889   1.00 0.00 ? 1  LEU H H1   1 
ATOM 10   H H2   . LEU A 1 1  ? 7.638   5.974   3.138   1.00 0.00 ? 1  LEU H H2   1 
ATOM 11   H H3   . LEU A 1 1  ? 8.677   6.045   1.796   1.00 0.00 ? 1  LEU H H3   1 
ATOM 12   H HA   . LEU A 1 1  ? 7.494   4.576   0.593   1.00 0.00 ? 1  LEU H HA   1 
ATOM 13   H HB2  . LEU A 1 1  ? 6.269   2.682   1.627   1.00 0.00 ? 1  LEU H HB2  1 
ATOM 14   H HB3  . LEU A 1 1  ? 7.959   2.720   2.128   1.00 0.00 ? 1  LEU H HB3  1 
ATOM 15   H HG   . LEU A 1 1  ? 6.798   4.290   4.063   1.00 0.00 ? 1  LEU H HG   1 
ATOM 16   H HD11 . LEU A 1 1  ? 4.725   3.350   4.764   1.00 0.00 ? 1  LEU H HD11 1 
ATOM 17   H HD12 . LEU A 1 1  ? 4.870   1.999   3.641   1.00 0.00 ? 1  LEU H HD12 1 
ATOM 18   H HD13 . LEU A 1 1  ? 4.544   3.621   3.031   1.00 0.00 ? 1  LEU H HD13 1 
ATOM 19   H HD21 . LEU A 1 1  ? 7.198   1.283   4.022   1.00 0.00 ? 1  LEU H HD21 1 
ATOM 20   H HD22 . LEU A 1 1  ? 6.931   2.224   5.490   1.00 0.00 ? 1  LEU H HD22 1 
ATOM 21   H HD23 . LEU A 1 1  ? 8.375   2.500   4.516   1.00 0.00 ? 1  LEU H HD23 1 
ATOM 22   N N    . LEU A 1 2  ? 5.113   5.361   0.514   1.00 0.00 ? 2  LEU H N    1 
ATOM 23   C CA   . LEU A 1 2  ? 3.813   6.014   0.427   1.00 0.00 ? 2  LEU H CA   1 
ATOM 24   C C    . LEU A 1 2  ? 3.038   5.497   -0.783  1.00 0.00 ? 2  LEU H C    1 
ATOM 25   O O    . LEU A 1 2  ? 1.994   4.862   -0.639  1.00 0.00 ? 2  LEU H O    1 
ATOM 26   C CB   . LEU A 1 2  ? 4.000   7.533   0.318   1.00 0.00 ? 2  LEU H CB   1 
ATOM 27   C CG   . LEU A 1 2  ? 2.774   8.266   0.884   1.00 0.00 ? 2  LEU H CG   1 
ATOM 28   C CD1  . LEU A 1 2  ? 1.503   7.732   0.217   1.00 0.00 ? 2  LEU H CD1  1 
ATOM 29   C CD2  . LEU A 1 2  ? 2.686   8.057   2.404   1.00 0.00 ? 2  LEU H CD2  1 
ATOM 30   H H    . LEU A 1 2  ? 5.483   4.915   -0.278  1.00 0.00 ? 2  LEU H H    1 
ATOM 31   H HA   . LEU A 1 2  ? 3.253   5.791   1.322   1.00 0.00 ? 2  LEU H HA   1 
ATOM 32   H HB2  . LEU A 1 2  ? 4.880   7.825   0.874   1.00 0.00 ? 2  LEU H HB2  1 
ATOM 33   H HB3  . LEU A 1 2  ? 4.130   7.805   -0.719  1.00 0.00 ? 2  LEU H HB3  1 
ATOM 34   H HG   . LEU A 1 2  ? 2.866   9.322   0.673   1.00 0.00 ? 2  LEU H HG   1 
ATOM 35   H HD11 . LEU A 1 2  ? 0.682   8.403   0.421   1.00 0.00 ? 2  LEU H HD11 1 
ATOM 36   H HD12 . LEU A 1 2  ? 1.272   6.753   0.609   1.00 0.00 ? 2  LEU H HD12 1 
ATOM 37   H HD13 . LEU A 1 2  ? 1.655   7.666   -0.851  1.00 0.00 ? 2  LEU H HD13 1 
ATOM 38   H HD21 . LEU A 1 2  ? 3.674   7.883   2.807   1.00 0.00 ? 2  LEU H HD21 1 
ATOM 39   H HD22 . LEU A 1 2  ? 2.056   7.206   2.620   1.00 0.00 ? 2  LEU H HD22 1 
ATOM 40   H HD23 . LEU A 1 2  ? 2.264   8.939   2.862   1.00 0.00 ? 2  LEU H HD23 1 
ATOM 41   N N    . GLY A 1 3  ? 3.556   5.773   -1.974  1.00 0.00 ? 3  GLY H N    1 
ATOM 42   C CA   . GLY A 1 3  ? 2.901   5.330   -3.199  1.00 0.00 ? 3  GLY H CA   1 
ATOM 43   C C    . GLY A 1 3  ? 2.444   3.880   -3.075  1.00 0.00 ? 3  GLY H C    1 
ATOM 44   O O    . GLY A 1 3  ? 1.587   3.422   -3.831  1.00 0.00 ? 3  GLY H O    1 
ATOM 45   H H    . GLY A 1 3  ? 4.389   6.284   -2.029  1.00 0.00 ? 3  GLY H H    1 
ATOM 46   H HA2  . GLY A 1 3  ? 2.045   5.959   -3.392  1.00 0.00 ? 3  GLY H HA2  1 
ATOM 47   H HA3  . GLY A 1 3  ? 3.596   5.410   -4.022  1.00 0.00 ? 3  GLY H HA3  1 
ATOM 48   N N    . ASP A 1 4  ? 3.017   3.165   -2.112  1.00 0.00 ? 4  ASP H N    1 
ATOM 49   C CA   . ASP A 1 4  ? 2.656   1.768   -1.891  1.00 0.00 ? 4  ASP H CA   1 
ATOM 50   C C    . ASP A 1 4  ? 1.436   1.675   -0.982  1.00 0.00 ? 4  ASP H C    1 
ATOM 51   O O    . ASP A 1 4  ? 0.565   0.826   -1.177  1.00 0.00 ? 4  ASP H O    1 
ATOM 52   C CB   . ASP A 1 4  ? 3.829   1.020   -1.252  1.00 0.00 ? 4  ASP H CB   1 
ATOM 53   C CG   . ASP A 1 4  ? 3.487   -0.459  -1.108  1.00 0.00 ? 4  ASP H CG   1 
ATOM 54   O OD1  . ASP A 1 4  ? 3.340   -1.115  -2.126  1.00 0.00 ? 4  ASP H OD1  1 
ATOM 55   O OD2  . ASP A 1 4  ? 3.378   -0.914  0.019   1.00 0.00 ? 4  ASP H OD2  1 
ATOM 56   H H    . ASP A 1 4  ? 3.691   3.584   -1.537  1.00 0.00 ? 4  ASP H H    1 
ATOM 57   H HA   . ASP A 1 4  ? 2.424   1.309   -2.840  1.00 0.00 ? 4  ASP H HA   1 
ATOM 58   H HB2  . ASP A 1 4  ? 4.704   1.126   -1.878  1.00 0.00 ? 4  ASP H HB2  1 
ATOM 59   H HB3  . ASP A 1 4  ? 4.032   1.437   -0.277  1.00 0.00 ? 4  ASP H HB3  1 
ATOM 60   N N    . PHE A 1 5  ? 1.378   2.557   0.010   1.00 0.00 ? 5  PHE H N    1 
ATOM 61   C CA   . PHE A 1 5  ? 0.259   2.575   0.944   1.00 0.00 ? 5  PHE H CA   1 
ATOM 62   C C    . PHE A 1 5  ? -1.060  2.666   0.183   1.00 0.00 ? 5  PHE H C    1 
ATOM 63   O O    . PHE A 1 5  ? -1.935  1.812   0.329   1.00 0.00 ? 5  PHE H O    1 
ATOM 64   C CB   . PHE A 1 5  ? 0.406   3.769   1.896   1.00 0.00 ? 5  PHE H CB   1 
ATOM 65   C CG   . PHE A 1 5  ? -0.953  4.250   2.352   1.00 0.00 ? 5  PHE H CG   1 
ATOM 66   C CD1  . PHE A 1 5  ? -1.617  3.591   3.393   1.00 0.00 ? 5  PHE H CD1  1 
ATOM 67   C CD2  . PHE A 1 5  ? -1.545  5.356   1.733   1.00 0.00 ? 5  PHE H CD2  1 
ATOM 68   C CE1  . PHE A 1 5  ? -2.874  4.040   3.815   1.00 0.00 ? 5  PHE H CE1  1 
ATOM 69   C CE2  . PHE A 1 5  ? -2.801  5.805   2.154   1.00 0.00 ? 5  PHE H CE2  1 
ATOM 70   C CZ   . PHE A 1 5  ? -3.467  5.147   3.195   1.00 0.00 ? 5  PHE H CZ   1 
ATOM 71   H H    . PHE A 1 5  ? 2.099   3.212   0.113   1.00 0.00 ? 5  PHE H H    1 
ATOM 72   H HA   . PHE A 1 5  ? 0.269   1.662   1.522   1.00 0.00 ? 5  PHE H HA   1 
ATOM 73   H HB2  . PHE A 1 5  ? 0.986   3.473   2.755   1.00 0.00 ? 5  PHE H HB2  1 
ATOM 74   H HB3  . PHE A 1 5  ? 0.914   4.573   1.384   1.00 0.00 ? 5  PHE H HB3  1 
ATOM 75   H HD1  . PHE A 1 5  ? -1.160  2.737   3.870   1.00 0.00 ? 5  PHE H HD1  1 
ATOM 76   H HD2  . PHE A 1 5  ? -1.032  5.864   0.930   1.00 0.00 ? 5  PHE H HD2  1 
ATOM 77   H HE1  . PHE A 1 5  ? -3.387  3.532   4.617   1.00 0.00 ? 5  PHE H HE1  1 
ATOM 78   H HE2  . PHE A 1 5  ? -3.257  6.660   1.675   1.00 0.00 ? 5  PHE H HE2  1 
ATOM 79   H HZ   . PHE A 1 5  ? -4.436  5.493   3.521   1.00 0.00 ? 5  PHE H HZ   1 
ATOM 80   N N    . PHE A 1 6  ? -1.192  3.708   -0.628  1.00 0.00 ? 6  PHE H N    1 
ATOM 81   C CA   . PHE A 1 6  ? -2.407  3.905   -1.411  1.00 0.00 ? 6  PHE H CA   1 
ATOM 82   C C    . PHE A 1 6  ? -2.790  2.615   -2.133  1.00 0.00 ? 6  PHE H C    1 
ATOM 83   O O    . PHE A 1 6  ? -3.947  2.197   -2.102  1.00 0.00 ? 6  PHE H O    1 
ATOM 84   C CB   . PHE A 1 6  ? -2.193  5.028   -2.436  1.00 0.00 ? 6  PHE H CB   1 
ATOM 85   C CG   . PHE A 1 6  ? -2.540  6.363   -1.816  1.00 0.00 ? 6  PHE H CG   1 
ATOM 86   C CD1  . PHE A 1 6  ? -3.868  6.651   -1.480  1.00 0.00 ? 6  PHE H CD1  1 
ATOM 87   C CD2  . PHE A 1 6  ? -1.537  7.312   -1.581  1.00 0.00 ? 6  PHE H CD2  1 
ATOM 88   C CE1  . PHE A 1 6  ? -4.194  7.888   -0.908  1.00 0.00 ? 6  PHE H CE1  1 
ATOM 89   C CE2  . PHE A 1 6  ? -1.862  8.548   -1.009  1.00 0.00 ? 6  PHE H CE2  1 
ATOM 90   C CZ   . PHE A 1 6  ? -3.190  8.836   -0.674  1.00 0.00 ? 6  PHE H CZ   1 
ATOM 91   H H    . PHE A 1 6  ? -0.459  4.355   -0.700  1.00 0.00 ? 6  PHE H H    1 
ATOM 92   H HA   . PHE A 1 6  ? -3.211  4.186   -0.746  1.00 0.00 ? 6  PHE H HA   1 
ATOM 93   H HB2  . PHE A 1 6  ? -1.159  5.034   -2.748  1.00 0.00 ? 6  PHE H HB2  1 
ATOM 94   H HB3  . PHE A 1 6  ? -2.824  4.858   -3.296  1.00 0.00 ? 6  PHE H HB3  1 
ATOM 95   H HD1  . PHE A 1 6  ? -4.642  5.921   -1.661  1.00 0.00 ? 6  PHE H HD1  1 
ATOM 96   H HD2  . PHE A 1 6  ? -0.513  7.090   -1.840  1.00 0.00 ? 6  PHE H HD2  1 
ATOM 97   H HE1  . PHE A 1 6  ? -5.218  8.110   -0.649  1.00 0.00 ? 6  PHE H HE1  1 
ATOM 98   H HE2  . PHE A 1 6  ? -1.089  9.279   -0.828  1.00 0.00 ? 6  PHE H HE2  1 
ATOM 99   H HZ   . PHE A 1 6  ? -3.441  9.789   -0.233  1.00 0.00 ? 6  PHE H HZ   1 
ATOM 100  N N    . ARG A 1 7  ? -1.811  1.990   -2.779  1.00 0.00 ? 7  ARG H N    1 
ATOM 101  C CA   . ARG A 1 7  ? -2.061  0.747   -3.503  1.00 0.00 ? 7  ARG H CA   1 
ATOM 102  C C    . ARG A 1 7  ? -2.398  -0.379  -2.531  1.00 0.00 ? 7  ARG H C    1 
ATOM 103  O O    . ARG A 1 7  ? -3.428  -1.040  -2.667  1.00 0.00 ? 7  ARG H O    1 
ATOM 104  C CB   . ARG A 1 7  ? -0.828  0.365   -4.327  1.00 0.00 ? 7  ARG H CB   1 
ATOM 105  C CG   . ARG A 1 7  ? -0.618  1.393   -5.443  1.00 0.00 ? 7  ARG H CG   1 
ATOM 106  C CD   . ARG A 1 7  ? 0.357   0.833   -6.481  1.00 0.00 ? 7  ARG H CD   1 
ATOM 107  N NE   . ARG A 1 7  ? 1.513   0.236   -5.822  1.00 0.00 ? 7  ARG H NE   1 
ATOM 108  C CZ   . ARG A 1 7  ? 2.337   -0.574  -6.479  1.00 0.00 ? 7  ARG H CZ   1 
ATOM 109  N NH1  . ARG A 1 7  ? 2.119   -0.849  -7.735  1.00 0.00 ? 7  ARG H NH1  1 
ATOM 110  N NH2  . ARG A 1 7  ? 3.365   -1.094  -5.864  1.00 0.00 ? 7  ARG H NH2  1 
ATOM 111  H H    . ARG A 1 7  ? -0.908  2.368   -2.769  1.00 0.00 ? 7  ARG H H    1 
ATOM 112  H HA   . ARG A 1 7  ? -2.896  0.894   -4.171  1.00 0.00 ? 7  ARG H HA   1 
ATOM 113  H HB2  . ARG A 1 7  ? 0.041   0.344   -3.686  1.00 0.00 ? 7  ARG H HB2  1 
ATOM 114  H HB3  . ARG A 1 7  ? -0.977  -0.611  -4.764  1.00 0.00 ? 7  ARG H HB3  1 
ATOM 115  H HG2  . ARG A 1 7  ? -1.564  1.608   -5.918  1.00 0.00 ? 7  ARG H HG2  1 
ATOM 116  H HG3  . ARG A 1 7  ? -0.211  2.300   -5.023  1.00 0.00 ? 7  ARG H HG3  1 
ATOM 117  H HD2  . ARG A 1 7  ? -0.143  0.081   -7.073  1.00 0.00 ? 7  ARG H HD2  1 
ATOM 118  H HD3  . ARG A 1 7  ? 0.688   1.633   -7.128  1.00 0.00 ? 7  ARG H HD3  1 
ATOM 119  H HE   . ARG A 1 7  ? 1.685   0.437   -4.878  1.00 0.00 ? 7  ARG H HE   1 
ATOM 120  H HH11 . ARG A 1 7  ? 1.332   -0.451  -8.206  1.00 0.00 ? 7  ARG H HH11 1 
ATOM 121  H HH12 . ARG A 1 7  ? 2.740   -1.458  -8.229  1.00 0.00 ? 7  ARG H HH12 1 
ATOM 122  H HH21 . ARG A 1 7  ? 3.532   -0.883  -4.901  1.00 0.00 ? 7  ARG H HH21 1 
ATOM 123  H HH22 . ARG A 1 7  ? 3.986   -1.704  -6.358  1.00 0.00 ? 7  ARG H HH22 1 
ATOM 124  N N    . LYS A 1 8  ? -1.527  -0.590  -1.550  1.00 0.00 ? 8  LYS H N    1 
ATOM 125  C CA   . LYS A 1 8  ? -1.747  -1.639  -0.560  1.00 0.00 ? 8  LYS H CA   1 
ATOM 126  C C    . LYS A 1 8  ? -0.671  -1.589  0.522   1.00 0.00 ? 8  LYS H C    1 
ATOM 127  O O    . LYS A 1 8  ? 0.520   -1.505  0.223   1.00 0.00 ? 8  LYS H O    1 
ATOM 128  C CB   . LYS A 1 8  ? -1.734  -3.012  -1.236  1.00 0.00 ? 8  LYS H CB   1 
ATOM 129  C CG   . LYS A 1 8  ? -0.456  -3.169  -2.061  1.00 0.00 ? 8  LYS H CG   1 
ATOM 130  C CD   . LYS A 1 8  ? -0.528  -4.462  -2.874  1.00 0.00 ? 8  LYS H CD   1 
ATOM 131  C CE   . LYS A 1 8  ? 0.720   -4.585  -3.750  1.00 0.00 ? 8  LYS H CE   1 
ATOM 132  N NZ   . LYS A 1 8  ? 0.657   -3.581  -4.848  1.00 0.00 ? 8  LYS H NZ   1 
ATOM 133  H H    . LYS A 1 8  ? -0.724  -0.031  -1.490  1.00 0.00 ? 8  LYS H H    1 
ATOM 134  H HA   . LYS A 1 8  ? -2.711  -1.487  -0.099  1.00 0.00 ? 8  LYS H HA   1 
ATOM 135  H HB2  . LYS A 1 8  ? -1.772  -3.784  -0.481  1.00 0.00 ? 8  LYS H HB2  1 
ATOM 136  H HB3  . LYS A 1 8  ? -2.592  -3.101  -1.885  1.00 0.00 ? 8  LYS H HB3  1 
ATOM 137  H HG2  . LYS A 1 8  ? -0.353  -2.326  -2.730  1.00 0.00 ? 8  LYS H HG2  1 
ATOM 138  H HG3  . LYS A 1 8  ? 0.397   -3.209  -1.400  1.00 0.00 ? 8  LYS H HG3  1 
ATOM 139  H HD2  . LYS A 1 8  ? -0.583  -5.306  -2.203  1.00 0.00 ? 8  LYS H HD2  1 
ATOM 140  H HD3  . LYS A 1 8  ? -1.407  -4.444  -3.503  1.00 0.00 ? 8  LYS H HD3  1 
ATOM 141  H HE2  . LYS A 1 8  ? 1.600   -4.408  -3.150  1.00 0.00 ? 8  LYS H HE2  1 
ATOM 142  H HE3  . LYS A 1 8  ? 0.765   -5.579  -4.173  1.00 0.00 ? 8  LYS H HE3  1 
ATOM 143  H HZ1  . LYS A 1 8  ? -0.310  -3.210  -4.926  1.00 0.00 ? 8  LYS H HZ1  1 
ATOM 144  H HZ2  . LYS A 1 8  ? 0.929   -4.033  -5.746  1.00 0.00 ? 8  LYS H HZ2  1 
ATOM 145  H HZ3  . LYS A 1 8  ? 1.310   -2.799  -4.641  1.00 0.00 ? 8  LYS H HZ3  1 
ATOM 146  N N    . SER A 1 9  ? -1.100  -1.643  1.779   1.00 0.00 ? 9  SER H N    1 
ATOM 147  C CA   . SER A 1 9  ? -0.165  -1.603  2.897   1.00 0.00 ? 9  SER H CA   1 
ATOM 148  C C    . SER A 1 9  ? 0.479   -2.970  3.105   1.00 0.00 ? 9  SER H C    1 
ATOM 149  O O    . SER A 1 9  ? 1.595   -3.071  3.613   1.00 0.00 ? 9  SER H O    1 
ATOM 150  C CB   . SER A 1 9  ? -0.894  -1.184  4.174   1.00 0.00 ? 9  SER H CB   1 
ATOM 151  O OG   . SER A 1 9  ? 0.060   -0.915  5.193   1.00 0.00 ? 9  SER H OG   1 
ATOM 152  H H    . SER A 1 9  ? -2.061  -1.710  1.957   1.00 0.00 ? 9  SER H H    1 
ATOM 153  H HA   . SER A 1 9  ? 0.608   -0.880  2.684   1.00 0.00 ? 9  SER H HA   1 
ATOM 154  H HB2  . SER A 1 9  ? -1.472  -0.296  3.986   1.00 0.00 ? 9  SER H HB2  1 
ATOM 155  H HB3  . SER A 1 9  ? -1.555  -1.982  4.487   1.00 0.00 ? 9  SER H HB3  1 
ATOM 156  H HG   . SER A 1 9  ? 0.210   0.032   5.216   1.00 0.00 ? 9  SER H HG   1 
ATOM 157  N N    . LYS A 1 10 ? -0.233  -4.017  2.706   1.00 0.00 ? 10 LYS H N    1 
ATOM 158  C CA   . LYS A 1 10 ? 0.275   -5.376  2.852   1.00 0.00 ? 10 LYS H CA   1 
ATOM 159  C C    . LYS A 1 10 ? -0.613  -6.360  2.096   1.00 0.00 ? 10 LYS H C    1 
ATOM 160  O O    . LYS A 1 10 ? -0.191  -6.958  1.106   1.00 0.00 ? 10 LYS H O    1 
ATOM 161  C CB   . LYS A 1 10 ? 0.324   -5.759  4.336   1.00 0.00 ? 10 LYS H CB   1 
ATOM 162  C CG   . LYS A 1 10 ? 1.250   -6.967  4.532   1.00 0.00 ? 10 LYS H CG   1 
ATOM 163  C CD   . LYS A 1 10 ? 2.689   -6.488  4.748   1.00 0.00 ? 10 LYS H CD   1 
ATOM 164  C CE   . LYS A 1 10 ? 3.613   -7.696  4.905   1.00 0.00 ? 10 LYS H CE   1 
ATOM 165  N NZ   . LYS A 1 10 ? 3.834   -8.327  3.573   1.00 0.00 ? 10 LYS H NZ   1 
ATOM 166  H H    . LYS A 1 10 ? -1.117  -3.876  2.309   1.00 0.00 ? 10 LYS H H    1 
ATOM 167  H HA   . LYS A 1 10 ? 1.273   -5.421  2.445   1.00 0.00 ? 10 LYS H HA   1 
ATOM 168  H HB2  . LYS A 1 10 ? 0.694   -4.921  4.910   1.00 0.00 ? 10 LYS H HB2  1 
ATOM 169  H HB3  . LYS A 1 10 ? -0.670  -6.012  4.672   1.00 0.00 ? 10 LYS H HB3  1 
ATOM 170  H HG2  . LYS A 1 10 ? 0.927   -7.529  5.396   1.00 0.00 ? 10 LYS H HG2  1 
ATOM 171  H HG3  . LYS A 1 10 ? 1.212   -7.600  3.658   1.00 0.00 ? 10 LYS H HG3  1 
ATOM 172  H HD2  . LYS A 1 10 ? 3.004   -5.900  3.899   1.00 0.00 ? 10 LYS H HD2  1 
ATOM 173  H HD3  . LYS A 1 10 ? 2.736   -5.883  5.641   1.00 0.00 ? 10 LYS H HD3  1 
ATOM 174  H HE2  . LYS A 1 10 ? 4.560   -7.374  5.312   1.00 0.00 ? 10 LYS H HE2  1 
ATOM 175  H HE3  . LYS A 1 10 ? 3.158   -8.413  5.572   1.00 0.00 ? 10 LYS H HE3  1 
ATOM 176  H HZ1  . LYS A 1 10 ? 4.316   -9.239  3.698   1.00 0.00 ? 10 LYS H HZ1  1 
ATOM 177  H HZ2  . LYS A 1 10 ? 4.423   -7.700  2.987   1.00 0.00 ? 10 LYS H HZ2  1 
ATOM 178  H HZ3  . LYS A 1 10 ? 2.919   -8.482  3.106   1.00 0.00 ? 10 LYS H HZ3  1 
ATOM 179  N N    . GLU A 1 11 ? -1.845  -6.520  2.569   1.00 0.00 ? 11 GLU H N    1 
ATOM 180  C CA   . GLU A 1 11 ? -2.786  -7.429  1.933   1.00 0.00 ? 11 GLU H CA   1 
ATOM 181  C C    . GLU A 1 11 ? -3.350  -6.809  0.656   1.00 0.00 ? 11 GLU H C    1 
ATOM 182  O O    . GLU A 1 11 ? -2.608  -6.518  -0.283  1.00 0.00 ? 11 GLU H O    1 
ATOM 183  C CB   . GLU A 1 11 ? -3.925  -7.747  2.900   1.00 0.00 ? 11 GLU H CB   1 
ATOM 184  C CG   . GLU A 1 11 ? -3.402  -8.633  4.033   1.00 0.00 ? 11 GLU H CG   1 
ATOM 185  C CD   . GLU A 1 11 ? -3.106  -10.033 3.506   1.00 0.00 ? 11 GLU H CD   1 
ATOM 186  O OE1  . GLU A 1 11 ? -4.018  -10.843 3.493   1.00 0.00 ? 11 GLU H OE1  1 
ATOM 187  O OE2  . GLU A 1 11 ? -1.974  -10.273 3.122   1.00 0.00 ? 11 GLU H OE2  1 
ATOM 188  H H    . GLU A 1 11 ? -2.127  -6.016  3.360   1.00 0.00 ? 11 GLU H H    1 
ATOM 189  H HA   . GLU A 1 11 ? -2.274  -8.345  1.683   1.00 0.00 ? 11 GLU H HA   1 
ATOM 190  H HB2  . GLU A 1 11 ? -4.315  -6.827  3.313   1.00 0.00 ? 11 GLU H HB2  1 
ATOM 191  H HB3  . GLU A 1 11 ? -4.708  -8.266  2.375   1.00 0.00 ? 11 GLU H HB3  1 
ATOM 192  H HG2  . GLU A 1 11 ? -2.496  -8.202  4.435   1.00 0.00 ? 11 GLU H HG2  1 
ATOM 193  H HG3  . GLU A 1 11 ? -4.146  -8.695  4.813   1.00 0.00 ? 11 GLU H HG3  1 
ATOM 194  N N    . LYS A 1 12 ? -4.664  -6.610  0.628   1.00 0.00 ? 12 LYS H N    1 
ATOM 195  C CA   . LYS A 1 12 ? -5.315  -6.023  -0.541  1.00 0.00 ? 12 LYS H CA   1 
ATOM 196  C C    . LYS A 1 12 ? -5.280  -4.498  -0.458  1.00 0.00 ? 12 LYS H C    1 
ATOM 197  O O    . LYS A 1 12 ? -5.261  -3.868  -1.503  1.00 0.00 ? 12 LYS H O    1 
ATOM 198  C CB   . LYS A 1 12 ? -6.770  -6.507  -0.625  1.00 0.00 ? 12 LYS H CB   1 
ATOM 199  C CG   . LYS A 1 12 ? -6.860  -7.728  -1.547  1.00 0.00 ? 12 LYS H CG   1 
ATOM 200  C CD   . LYS A 1 12 ? -8.313  -8.218  -1.612  1.00 0.00 ? 12 LYS H CD   1 
ATOM 201  C CE   . LYS A 1 12 ? -8.553  -8.948  -2.937  1.00 0.00 ? 12 LYS H CE   1 
ATOM 202  N NZ   . LYS A 1 12 ? -7.343  -9.737  -3.297  1.00 0.00 ? 12 LYS H NZ   1 
ATOM 203  O OXT  . LYS A 1 12 ? -5.274  -3.985  0.649   1.00 0.00 ? 12 LYS H OXT  1 
ATOM 204  H H    . LYS A 1 12 ? -5.207  -6.860  1.404   1.00 0.00 ? 12 LYS H H    1 
ATOM 205  H HA   . LYS A 1 12 ? -4.788  -6.335  -1.430  1.00 0.00 ? 12 LYS H HA   1 
ATOM 206  H HB2  . LYS A 1 12 ? -7.114  -6.776  0.362   1.00 0.00 ? 12 LYS H HB2  1 
ATOM 207  H HB3  . LYS A 1 12 ? -7.394  -5.717  -1.019  1.00 0.00 ? 12 LYS H HB3  1 
ATOM 208  H HG2  . LYS A 1 12 ? -6.526  -7.454  -2.538  1.00 0.00 ? 12 LYS H HG2  1 
ATOM 209  H HG3  . LYS A 1 12 ? -6.233  -8.518  -1.161  1.00 0.00 ? 12 LYS H HG3  1 
ATOM 210  H HD2  . LYS A 1 12 ? -8.501  -8.894  -0.789  1.00 0.00 ? 12 LYS H HD2  1 
ATOM 211  H HD3  . LYS A 1 12 ? -8.983  -7.374  -1.543  1.00 0.00 ? 12 LYS H HD3  1 
ATOM 212  H HE2  . LYS A 1 12 ? -9.398  -9.612  -2.834  1.00 0.00 ? 12 LYS H HE2  1 
ATOM 213  H HE3  . LYS A 1 12 ? -8.757  -8.225  -3.712  1.00 0.00 ? 12 LYS H HE3  1 
ATOM 214  H HZ1  . LYS A 1 12 ? -6.831  -10.004 -2.433  1.00 0.00 ? 12 LYS H HZ1  1 
ATOM 215  H HZ2  . LYS A 1 12 ? -6.723  -9.161  -3.904  1.00 0.00 ? 12 LYS H HZ2  1 
ATOM 216  H HZ3  . LYS A 1 12 ? -7.628  -10.596 -3.808  1.00 0.00 ? 12 LYS H HZ3  1 
ATOM 217  N N    . LEU A 1 1  ? 5.137   4.492   -4.004  1.00 0.00 ? 1  LEU H N    2 
ATOM 218  C CA   . LEU A 1 1  ? 4.132   5.558   -3.733  1.00 0.00 ? 1  LEU H CA   2 
ATOM 219  C C    . LEU A 1 1  ? 3.751   5.532   -2.258  1.00 0.00 ? 1  LEU H C    2 
ATOM 220  O O    . LEU A 1 1  ? 4.535   5.102   -1.412  1.00 0.00 ? 1  LEU H O    2 
ATOM 221  C CB   . LEU A 1 1  ? 2.891   5.319   -4.598  1.00 0.00 ? 1  LEU H CB   2 
ATOM 222  C CG   . LEU A 1 1  ? 3.322   4.923   -6.013  1.00 0.00 ? 1  LEU H CG   2 
ATOM 223  C CD1  . LEU A 1 1  ? 2.084   4.771   -6.899  1.00 0.00 ? 1  LEU H CD1  2 
ATOM 224  C CD2  . LEU A 1 1  ? 4.232   6.010   -6.592  1.00 0.00 ? 1  LEU H CD2  2 
ATOM 225  H H1   . LEU A 1 1  ? 5.862   4.502   -3.259  1.00 0.00 ? 1  LEU H H1   2 
ATOM 226  H H2   . LEU A 1 1  ? 5.584   4.662   -4.927  1.00 0.00 ? 1  LEU H H2   2 
ATOM 227  H H3   . LEU A 1 1  ? 4.665   3.565   -4.012  1.00 0.00 ? 1  LEU H H3   2 
ATOM 228  H HA   . LEU A 1 1  ? 4.557   6.521   -3.976  1.00 0.00 ? 1  LEU H HA   2 
ATOM 229  H HB2  . LEU A 1 1  ? 2.299   4.525   -4.166  1.00 0.00 ? 1  LEU H HB2  2 
ATOM 230  H HB3  . LEU A 1 1  ? 2.304   6.223   -4.643  1.00 0.00 ? 1  LEU H HB3  2 
ATOM 231  H HG   . LEU A 1 1  ? 3.856   3.984   -5.976  1.00 0.00 ? 1  LEU H HG   2 
ATOM 232  H HD11 . LEU A 1 1  ? 1.526   3.899   -6.592  1.00 0.00 ? 1  LEU H HD11 2 
ATOM 233  H HD12 . LEU A 1 1  ? 2.391   4.655   -7.929  1.00 0.00 ? 1  LEU H HD12 2 
ATOM 234  H HD13 . LEU A 1 1  ? 1.463   5.648   -6.804  1.00 0.00 ? 1  LEU H HD13 2 
ATOM 235  H HD21 . LEU A 1 1  ? 5.211   5.936   -6.141  1.00 0.00 ? 1  LEU H HD21 2 
ATOM 236  H HD22 . LEU A 1 1  ? 3.811   6.982   -6.382  1.00 0.00 ? 1  LEU H HD22 2 
ATOM 237  H HD23 . LEU A 1 1  ? 4.317   5.877   -7.660  1.00 0.00 ? 1  LEU H HD23 2 
ATOM 238  N N    . LEU A 1 2  ? 2.542   5.996   -1.956  1.00 0.00 ? 2  LEU H N    2 
ATOM 239  C CA   . LEU A 1 2  ? 2.064   6.023   -0.578  1.00 0.00 ? 2  LEU H CA   2 
ATOM 240  C C    . LEU A 1 2  ? 0.576   5.692   -0.528  1.00 0.00 ? 2  LEU H C    2 
ATOM 241  O O    . LEU A 1 2  ? 0.176   4.671   0.028   1.00 0.00 ? 2  LEU H O    2 
ATOM 242  C CB   . LEU A 1 2  ? 2.311   7.409   0.032   1.00 0.00 ? 2  LEU H CB   2 
ATOM 243  C CG   . LEU A 1 2  ? 2.459   7.302   1.557   1.00 0.00 ? 2  LEU H CG   2 
ATOM 244  C CD1  . LEU A 1 2  ? 1.258   6.551   2.141   1.00 0.00 ? 2  LEU H CD1  2 
ATOM 245  C CD2  . LEU A 1 2  ? 3.756   6.554   1.911   1.00 0.00 ? 2  LEU H CD2  2 
ATOM 246  H H    . LEU A 1 2  ? 1.963   6.327   -2.674  1.00 0.00 ? 2  LEU H H    2 
ATOM 247  H HA   . LEU A 1 2  ? 2.604   5.285   -0.006  1.00 0.00 ? 2  LEU H HA   2 
ATOM 248  H HB2  . LEU A 1 2  ? 3.213   7.829   -0.387  1.00 0.00 ? 2  LEU H HB2  2 
ATOM 249  H HB3  . LEU A 1 2  ? 1.477   8.057   -0.199  1.00 0.00 ? 2  LEU H HB3  2 
ATOM 250  H HG   . LEU A 1 2  ? 2.493   8.296   1.980   1.00 0.00 ? 2  LEU H HG   2 
ATOM 251  H HD11 . LEU A 1 2  ? 1.232   6.692   3.211   1.00 0.00 ? 2  LEU H HD11 2 
ATOM 252  H HD12 . LEU A 1 2  ? 1.348   5.498   1.920   1.00 0.00 ? 2  LEU H HD12 2 
ATOM 253  H HD13 . LEU A 1 2  ? 0.347   6.934   1.706   1.00 0.00 ? 2  LEU H HD13 2 
ATOM 254  H HD21 . LEU A 1 2  ? 4.168   6.965   2.820   1.00 0.00 ? 2  LEU H HD21 2 
ATOM 255  H HD22 . LEU A 1 2  ? 4.472   6.666   1.111   1.00 0.00 ? 2  LEU H HD22 2 
ATOM 256  H HD23 . LEU A 1 2  ? 3.543   5.504   2.058   1.00 0.00 ? 2  LEU H HD23 2 
ATOM 257  N N    . GLY A 1 3  ? -0.241  6.561   -1.109  1.00 0.00 ? 3  GLY H N    2 
ATOM 258  C CA   . GLY A 1 3  ? -1.682  6.345   -1.122  1.00 0.00 ? 3  GLY H CA   2 
ATOM 259  C C    . GLY A 1 3  ? -2.011  4.900   -1.483  1.00 0.00 ? 3  GLY H C    2 
ATOM 260  O O    . GLY A 1 3  ? -3.100  4.409   -1.190  1.00 0.00 ? 3  GLY H O    2 
ATOM 261  H H    . GLY A 1 3  ? 0.131   7.360   -1.536  1.00 0.00 ? 3  GLY H H    2 
ATOM 262  H HA2  . GLY A 1 3  ? -2.083  6.568   -0.143  1.00 0.00 ? 3  GLY H HA2  2 
ATOM 263  H HA3  . GLY A 1 3  ? -2.134  7.002   -1.849  1.00 0.00 ? 3  GLY H HA3  2 
ATOM 264  N N    . ASP A 1 4  ? -1.058  4.223   -2.120  1.00 0.00 ? 4  ASP H N    2 
ATOM 265  C CA   . ASP A 1 4  ? -1.256  2.832   -2.517  1.00 0.00 ? 4  ASP H CA   2 
ATOM 266  C C    . ASP A 1 4  ? -0.886  1.890   -1.375  1.00 0.00 ? 4  ASP H C    2 
ATOM 267  O O    . ASP A 1 4  ? -1.379  0.765   -1.300  1.00 0.00 ? 4  ASP H O    2 
ATOM 268  C CB   . ASP A 1 4  ? -0.396  2.512   -3.741  1.00 0.00 ? 4  ASP H CB   2 
ATOM 269  C CG   . ASP A 1 4  ? -0.811  1.167   -4.331  1.00 0.00 ? 4  ASP H CG   2 
ATOM 270  O OD1  . ASP A 1 4  ? -1.987  1.003   -4.612  1.00 0.00 ? 4  ASP H OD1  2 
ATOM 271  O OD2  . ASP A 1 4  ? 0.054   0.322   -4.493  1.00 0.00 ? 4  ASP H OD2  2 
ATOM 272  H H    . ASP A 1 4  ? -0.209  4.666   -2.327  1.00 0.00 ? 4  ASP H H    2 
ATOM 273  H HA   . ASP A 1 4  ? -2.294  2.682   -2.772  1.00 0.00 ? 4  ASP H HA   2 
ATOM 274  H HB2  . ASP A 1 4  ? -0.529  3.285   -4.484  1.00 0.00 ? 4  ASP H HB2  2 
ATOM 275  H HB3  . ASP A 1 4  ? 0.642   2.468   -3.449  1.00 0.00 ? 4  ASP H HB3  2 
ATOM 276  N N    . PHE A 1 5  ? -0.015  2.358   -0.487  1.00 0.00 ? 5  PHE H N    2 
ATOM 277  C CA   . PHE A 1 5  ? 0.414   1.552   0.650   1.00 0.00 ? 5  PHE H CA   2 
ATOM 278  C C    . PHE A 1 5  ? -0.728  1.403   1.651   1.00 0.00 ? 5  PHE H C    2 
ATOM 279  O O    . PHE A 1 5  ? -1.162  0.292   1.952   1.00 0.00 ? 5  PHE H O    2 
ATOM 280  C CB   . PHE A 1 5  ? 1.627   2.211   1.321   1.00 0.00 ? 5  PHE H CB   2 
ATOM 281  C CG   . PHE A 1 5  ? 1.668   1.859   2.792   1.00 0.00 ? 5  PHE H CG   2 
ATOM 282  C CD1  . PHE A 1 5  ? 2.246   0.655   3.208   1.00 0.00 ? 5  PHE H CD1  2 
ATOM 283  C CD2  . PHE A 1 5  ? 1.129   2.741   3.735   1.00 0.00 ? 5  PHE H CD2  2 
ATOM 284  C CE1  . PHE A 1 5  ? 2.285   0.333   4.570   1.00 0.00 ? 5  PHE H CE1  2 
ATOM 285  C CE2  . PHE A 1 5  ? 1.168   2.420   5.096   1.00 0.00 ? 5  PHE H CE2  2 
ATOM 286  C CZ   . PHE A 1 5  ? 1.746   1.215   5.514   1.00 0.00 ? 5  PHE H CZ   2 
ATOM 287  H H    . PHE A 1 5  ? 0.344   3.264   -0.598  1.00 0.00 ? 5  PHE H H    2 
ATOM 288  H HA   . PHE A 1 5  ? 0.699   0.572   0.297   1.00 0.00 ? 5  PHE H HA   2 
ATOM 289  H HB2  . PHE A 1 5  ? 2.531   1.865   0.847   1.00 0.00 ? 5  PHE H HB2  2 
ATOM 290  H HB3  . PHE A 1 5  ? 1.557   3.283   1.215   1.00 0.00 ? 5  PHE H HB3  2 
ATOM 291  H HD1  . PHE A 1 5  ? 2.661   -0.026  2.480   1.00 0.00 ? 5  PHE H HD1  2 
ATOM 292  H HD2  . PHE A 1 5  ? 0.684   3.670   3.413   1.00 0.00 ? 5  PHE H HD2  2 
ATOM 293  H HE1  . PHE A 1 5  ? 2.730   -0.596  4.892   1.00 0.00 ? 5  PHE H HE1  2 
ATOM 294  H HE2  . PHE A 1 5  ? 0.753   3.100   5.825   1.00 0.00 ? 5  PHE H HE2  2 
ATOM 295  H HZ   . PHE A 1 5  ? 1.776   0.966   6.564   1.00 0.00 ? 5  PHE H HZ   2 
ATOM 296  N N    . PHE A 1 6  ? -1.211  2.531   2.161   1.00 0.00 ? 6  PHE H N    2 
ATOM 297  C CA   . PHE A 1 6  ? -2.306  2.511   3.124   1.00 0.00 ? 6  PHE H CA   2 
ATOM 298  C C    . PHE A 1 6  ? -3.455  1.656   2.596   1.00 0.00 ? 6  PHE H C    2 
ATOM 299  O O    . PHE A 1 6  ? -4.088  0.916   3.349   1.00 0.00 ? 6  PHE H O    2 
ATOM 300  C CB   . PHE A 1 6  ? -2.799  3.941   3.388   1.00 0.00 ? 6  PHE H CB   2 
ATOM 301  C CG   . PHE A 1 6  ? -2.021  4.550   4.534   1.00 0.00 ? 6  PHE H CG   2 
ATOM 302  C CD1  . PHE A 1 6  ? -2.109  3.990   5.815   1.00 0.00 ? 6  PHE H CD1  2 
ATOM 303  C CD2  . PHE A 1 6  ? -1.214  5.675   4.318   1.00 0.00 ? 6  PHE H CD2  2 
ATOM 304  C CE1  . PHE A 1 6  ? -1.392  4.552   6.877   1.00 0.00 ? 6  PHE H CE1  2 
ATOM 305  C CE2  . PHE A 1 6  ? -0.498  6.238   5.381   1.00 0.00 ? 6  PHE H CE2  2 
ATOM 306  C CZ   . PHE A 1 6  ? -0.585  5.676   6.660   1.00 0.00 ? 6  PHE H CZ   2 
ATOM 307  H H    . PHE A 1 6  ? -0.827  3.389   1.882   1.00 0.00 ? 6  PHE H H    2 
ATOM 308  H HA   . PHE A 1 6  ? -1.949  2.084   4.049   1.00 0.00 ? 6  PHE H HA   2 
ATOM 309  H HB2  . PHE A 1 6  ? -2.658  4.538   2.499   1.00 0.00 ? 6  PHE H HB2  2 
ATOM 310  H HB3  . PHE A 1 6  ? -3.850  3.920   3.641   1.00 0.00 ? 6  PHE H HB3  2 
ATOM 311  H HD1  . PHE A 1 6  ? -2.731  3.123   5.984   1.00 0.00 ? 6  PHE H HD1  2 
ATOM 312  H HD2  . PHE A 1 6  ? -1.145  6.109   3.330   1.00 0.00 ? 6  PHE H HD2  2 
ATOM 313  H HE1  . PHE A 1 6  ? -1.460  4.119   7.864   1.00 0.00 ? 6  PHE H HE1  2 
ATOM 314  H HE2  . PHE A 1 6  ? 0.123   7.105   5.214   1.00 0.00 ? 6  PHE H HE2  2 
ATOM 315  H HZ   . PHE A 1 6  ? -0.033  6.111   7.480   1.00 0.00 ? 6  PHE H HZ   2 
ATOM 316  N N    . ARG A 1 7  ? -3.715  1.763   1.297   1.00 0.00 ? 7  ARG H N    2 
ATOM 317  C CA   . ARG A 1 7  ? -4.787  0.993   0.675   1.00 0.00 ? 7  ARG H CA   2 
ATOM 318  C C    . ARG A 1 7  ? -4.668  -0.483  1.043   1.00 0.00 ? 7  ARG H C    2 
ATOM 319  O O    . ARG A 1 7  ? -5.617  -1.088  1.543   1.00 0.00 ? 7  ARG H O    2 
ATOM 320  C CB   . ARG A 1 7  ? -4.723  1.149   -0.848  1.00 0.00 ? 7  ARG H CB   2 
ATOM 321  C CG   . ARG A 1 7  ? -5.265  2.529   -1.257  1.00 0.00 ? 7  ARG H CG   2 
ATOM 322  C CD   . ARG A 1 7  ? -6.727  2.406   -1.694  1.00 0.00 ? 7  ARG H CD   2 
ATOM 323  N NE   . ARG A 1 7  ? -7.234  3.700   -2.135  1.00 0.00 ? 7  ARG H NE   2 
ATOM 324  C CZ   . ARG A 1 7  ? -8.345  3.792   -2.859  1.00 0.00 ? 7  ARG H CZ   2 
ATOM 325  N NH1  . ARG A 1 7  ? -8.996  2.712   -3.195  1.00 0.00 ? 7  ARG H NH1  2 
ATOM 326  N NH2  . ARG A 1 7  ? -8.782  4.961   -3.239  1.00 0.00 ? 7  ARG H NH2  2 
ATOM 327  H H    . ARG A 1 7  ? -3.176  2.368   0.747   1.00 0.00 ? 7  ARG H H    2 
ATOM 328  H HA   . ARG A 1 7  ? -5.738  1.367   1.025   1.00 0.00 ? 7  ARG H HA   2 
ATOM 329  H HB2  . ARG A 1 7  ? -3.696  1.056   -1.171  1.00 0.00 ? 7  ARG H HB2  2 
ATOM 330  H HB3  . ARG A 1 7  ? -5.316  0.376   -1.315  1.00 0.00 ? 7  ARG H HB3  2 
ATOM 331  H HG2  . ARG A 1 7  ? -5.196  3.209   -0.420  1.00 0.00 ? 7  ARG H HG2  2 
ATOM 332  H HG3  . ARG A 1 7  ? -4.680  2.915   -2.079  1.00 0.00 ? 7  ARG H HG3  2 
ATOM 333  H HD2  . ARG A 1 7  ? -6.799  1.699   -2.507  1.00 0.00 ? 7  ARG H HD2  2 
ATOM 334  H HD3  . ARG A 1 7  ? -7.321  2.057   -0.862  1.00 0.00 ? 7  ARG H HD3  2 
ATOM 335  H HE   . ARG A 1 7  ? -6.749  4.516   -1.892  1.00 0.00 ? 7  ARG H HE   2 
ATOM 336  H HH11 . ARG A 1 7  ? -8.660  1.815   -2.906  1.00 0.00 ? 7  ARG H HH11 2 
ATOM 337  H HH12 . ARG A 1 7  ? -9.831  2.780   -3.740  1.00 0.00 ? 7  ARG H HH12 2 
ATOM 338  H HH21 . ARG A 1 7  ? -8.282  5.788   -2.983  1.00 0.00 ? 7  ARG H HH21 2 
ATOM 339  H HH22 . ARG A 1 7  ? -9.617  5.030   -3.785  1.00 0.00 ? 7  ARG H HH22 2 
ATOM 340  N N    . LYS A 1 8  ? -3.495  -1.057  0.790   1.00 0.00 ? 8  LYS H N    2 
ATOM 341  C CA   . LYS A 1 8  ? -3.259  -2.465  1.096   1.00 0.00 ? 8  LYS H CA   2 
ATOM 342  C C    . LYS A 1 8  ? -2.628  -2.614  2.478   1.00 0.00 ? 8  LYS H C    2 
ATOM 343  O O    . LYS A 1 8  ? -1.827  -1.779  2.899   1.00 0.00 ? 8  LYS H O    2 
ATOM 344  C CB   . LYS A 1 8  ? -2.335  -3.081  0.043   1.00 0.00 ? 8  LYS H CB   2 
ATOM 345  C CG   . LYS A 1 8  ? -0.934  -2.478  0.175   1.00 0.00 ? 8  LYS H CG   2 
ATOM 346  C CD   . LYS A 1 8  ? -0.104  -2.841  -1.057  1.00 0.00 ? 8  LYS H CD   2 
ATOM 347  C CE   . LYS A 1 8  ? 1.376   -2.570  -0.775  1.00 0.00 ? 8  LYS H CE   2 
ATOM 348  N NZ   . LYS A 1 8  ? 2.137   -2.589  -2.056  1.00 0.00 ? 8  LYS H NZ   2 
ATOM 349  H H    . LYS A 1 8  ? -2.776  -0.525  0.390   1.00 0.00 ? 8  LYS H H    2 
ATOM 350  H HA   . LYS A 1 8  ? -4.201  -2.992  1.083   1.00 0.00 ? 8  LYS H HA   2 
ATOM 351  H HB2  . LYS A 1 8  ? -2.282  -4.150  0.191   1.00 0.00 ? 8  LYS H HB2  2 
ATOM 352  H HB3  . LYS A 1 8  ? -2.723  -2.872  -0.942  1.00 0.00 ? 8  LYS H HB3  2 
ATOM 353  H HG2  . LYS A 1 8  ? -1.012  -1.403  0.254   1.00 0.00 ? 8  LYS H HG2  2 
ATOM 354  H HG3  . LYS A 1 8  ? -0.455  -2.871  1.058   1.00 0.00 ? 8  LYS H HG3  2 
ATOM 355  H HD2  . LYS A 1 8  ? -0.241  -3.888  -1.288  1.00 0.00 ? 8  LYS H HD2  2 
ATOM 356  H HD3  . LYS A 1 8  ? -0.423  -2.242  -1.897  1.00 0.00 ? 8  LYS H HD3  2 
ATOM 357  H HE2  . LYS A 1 8  ? 1.481   -1.601  -0.308  1.00 0.00 ? 8  LYS H HE2  2 
ATOM 358  H HE3  . LYS A 1 8  ? 1.761   -3.332  -0.115  1.00 0.00 ? 8  LYS H HE3  2 
ATOM 359  H HZ1  . LYS A 1 8  ? 2.199   -1.624  -2.437  1.00 0.00 ? 8  LYS H HZ1  2 
ATOM 360  H HZ2  . LYS A 1 8  ? 1.648   -3.203  -2.740  1.00 0.00 ? 8  LYS H HZ2  2 
ATOM 361  H HZ3  . LYS A 1 8  ? 3.096   -2.954  -1.884  1.00 0.00 ? 8  LYS H HZ3  2 
ATOM 362  N N    . SER A 1 9  ? -2.993  -3.684  3.177   1.00 0.00 ? 9  SER H N    2 
ATOM 363  C CA   . SER A 1 9  ? -2.457  -3.935  4.509   1.00 0.00 ? 9  SER H CA   2 
ATOM 364  C C    . SER A 1 9  ? -1.094  -4.615  4.415   1.00 0.00 ? 9  SER H C    2 
ATOM 365  O O    . SER A 1 9  ? -0.131  -4.188  5.052   1.00 0.00 ? 9  SER H O    2 
ATOM 366  C CB   . SER A 1 9  ? -3.424  -4.824  5.294   1.00 0.00 ? 9  SER H CB   2 
ATOM 367  O OG   . SER A 1 9  ? -3.995  -5.785  4.416   1.00 0.00 ? 9  SER H OG   2 
ATOM 368  H H    . SER A 1 9  ? -3.634  -4.315  2.789   1.00 0.00 ? 9  SER H H    2 
ATOM 369  H HA   . SER A 1 9  ? -2.346  -2.995  5.027   1.00 0.00 ? 9  SER H HA   2 
ATOM 370  H HB2  . SER A 1 9  ? -2.894  -5.333  6.080   1.00 0.00 ? 9  SER H HB2  2 
ATOM 371  H HB3  . SER A 1 9  ? -4.204  -4.210  5.727   1.00 0.00 ? 9  SER H HB3  2 
ATOM 372  H HG   . SER A 1 9  ? -4.890  -5.505  4.211   1.00 0.00 ? 9  SER H HG   2 
ATOM 373  N N    . LYS A 1 10 ? -1.021  -5.675  3.616   1.00 0.00 ? 10 LYS H N    2 
ATOM 374  C CA   . LYS A 1 10 ? 0.229   -6.406  3.444   1.00 0.00 ? 10 LYS H CA   2 
ATOM 375  C C    . LYS A 1 10 ? 0.111   -7.392  2.281   1.00 0.00 ? 10 LYS H C    2 
ATOM 376  O O    . LYS A 1 10 ? 0.169   -8.606  2.471   1.00 0.00 ? 10 LYS H O    2 
ATOM 377  C CB   . LYS A 1 10 ? 0.575   -7.156  4.740   1.00 0.00 ? 10 LYS H CB   2 
ATOM 378  C CG   . LYS A 1 10 ? 2.098   -7.244  4.905   1.00 0.00 ? 10 LYS H CG   2 
ATOM 379  C CD   . LYS A 1 10 ? 2.697   -8.056  3.755   1.00 0.00 ? 10 LYS H CD   2 
ATOM 380  C CE   . LYS A 1 10 ? 4.169   -8.348  4.051   1.00 0.00 ? 10 LYS H CE   2 
ATOM 381  N NZ   . LYS A 1 10 ? 4.923   -7.064  4.130   1.00 0.00 ? 10 LYS H NZ   2 
ATOM 382  H H    . LYS A 1 10 ? -1.821  -5.969  3.133   1.00 0.00 ? 10 LYS H H    2 
ATOM 383  H HA   . LYS A 1 10 ? 1.017   -5.701  3.224   1.00 0.00 ? 10 LYS H HA   2 
ATOM 384  H HB2  . LYS A 1 10 ? 0.157   -6.623  5.581   1.00 0.00 ? 10 LYS H HB2  2 
ATOM 385  H HB3  . LYS A 1 10 ? 0.161   -8.152  4.707   1.00 0.00 ? 10 LYS H HB3  2 
ATOM 386  H HG2  . LYS A 1 10 ? 2.518   -6.248  4.902   1.00 0.00 ? 10 LYS H HG2  2 
ATOM 387  H HG3  . LYS A 1 10 ? 2.329   -7.728  5.841   1.00 0.00 ? 10 LYS H HG3  2 
ATOM 388  H HD2  . LYS A 1 10 ? 2.159   -8.986  3.652   1.00 0.00 ? 10 LYS H HD2  2 
ATOM 389  H HD3  . LYS A 1 10 ? 2.623   -7.492  2.837   1.00 0.00 ? 10 LYS H HD3  2 
ATOM 390  H HE2  . LYS A 1 10 ? 4.251   -8.871  4.992   1.00 0.00 ? 10 LYS H HE2  2 
ATOM 391  H HE3  . LYS A 1 10 ? 4.582   -8.959  3.261   1.00 0.00 ? 10 LYS H HE3  2 
ATOM 392  H HZ1  . LYS A 1 10 ? 4.265   -6.289  4.344   1.00 0.00 ? 10 LYS H HZ1  2 
ATOM 393  H HZ2  . LYS A 1 10 ? 5.392   -6.882  3.219   1.00 0.00 ? 10 LYS H HZ2  2 
ATOM 394  H HZ3  . LYS A 1 10 ? 5.638   -7.126  4.882   1.00 0.00 ? 10 LYS H HZ3  2 
ATOM 395  N N    . GLU A 1 11 ? -0.057  -6.857  1.077   1.00 0.00 ? 11 GLU H N    2 
ATOM 396  C CA   . GLU A 1 11 ? -0.183  -7.696  -0.110  1.00 0.00 ? 11 GLU H CA   2 
ATOM 397  C C    . GLU A 1 11 ? 1.190   -8.193  -0.560  1.00 0.00 ? 11 GLU H C    2 
ATOM 398  O O    . GLU A 1 11 ? 1.875   -8.899  0.181   1.00 0.00 ? 11 GLU H O    2 
ATOM 399  C CB   . GLU A 1 11 ? -0.853  -6.905  -1.236  1.00 0.00 ? 11 GLU H CB   2 
ATOM 400  C CG   . GLU A 1 11 ? -1.320  -7.867  -2.331  1.00 0.00 ? 11 GLU H CG   2 
ATOM 401  C CD   . GLU A 1 11 ? -1.665  -7.087  -3.596  1.00 0.00 ? 11 GLU H CD   2 
ATOM 402  O OE1  . GLU A 1 11 ? -2.161  -5.980  -3.470  1.00 0.00 ? 11 GLU H OE1  2 
ATOM 403  O OE2  . GLU A 1 11 ? -1.427  -7.609  -4.673  1.00 0.00 ? 11 GLU H OE2  2 
ATOM 404  H H    . GLU A 1 11 ? -0.097  -5.882  0.983   1.00 0.00 ? 11 GLU H H    2 
ATOM 405  H HA   . GLU A 1 11 ? -0.800  -8.549  0.131   1.00 0.00 ? 11 GLU H HA   2 
ATOM 406  H HB2  . GLU A 1 11 ? -1.705  -6.371  -0.840  1.00 0.00 ? 11 GLU H HB2  2 
ATOM 407  H HB3  . GLU A 1 11 ? -0.151  -6.200  -1.653  1.00 0.00 ? 11 GLU H HB3  2 
ATOM 408  H HG2  . GLU A 1 11 ? -0.533  -8.573  -2.549  1.00 0.00 ? 11 GLU H HG2  2 
ATOM 409  H HG3  . GLU A 1 11 ? -2.196  -8.399  -1.991  1.00 0.00 ? 11 GLU H HG3  2 
ATOM 410  N N    . LYS A 1 12 ? 1.589   -7.820  -1.773  1.00 0.00 ? 12 LYS H N    2 
ATOM 411  C CA   . LYS A 1 12 ? 2.884   -8.236  -2.304  1.00 0.00 ? 12 LYS H CA   2 
ATOM 412  C C    . LYS A 1 12 ? 3.958   -8.170  -1.221  1.00 0.00 ? 12 LYS H C    2 
ATOM 413  O O    . LYS A 1 12 ? 4.767   -9.081  -1.161  1.00 0.00 ? 12 LYS H O    2 
ATOM 414  C CB   . LYS A 1 12 ? 3.282   -7.333  -3.472  1.00 0.00 ? 12 LYS H CB   2 
ATOM 415  C CG   . LYS A 1 12 ? 3.495   -5.905  -2.964  1.00 0.00 ? 12 LYS H CG   2 
ATOM 416  C CD   . LYS A 1 12 ? 3.563   -4.940  -4.150  1.00 0.00 ? 12 LYS H CD   2 
ATOM 417  C CE   . LYS A 1 12 ? 4.721   -5.335  -5.070  1.00 0.00 ? 12 LYS H CE   2 
ATOM 418  N NZ   . LYS A 1 12 ? 4.294   -6.452  -5.958  1.00 0.00 ? 12 LYS H NZ   2 
ATOM 419  O OXT  . LYS A 1 12 ? 3.955   -7.208  -0.471  1.00 0.00 ? 12 LYS H OXT  2 
ATOM 420  H H    . LYS A 1 12 ? 1.005   -7.257  -2.321  1.00 0.00 ? 12 LYS H H    2 
ATOM 421  H HA   . LYS A 1 12 ? 2.807   -9.252  -2.661  1.00 0.00 ? 12 LYS H HA   2 
ATOM 422  H HB2  . LYS A 1 12 ? 4.198   -7.700  -3.914  1.00 0.00 ? 12 LYS H HB2  2 
ATOM 423  H HB3  . LYS A 1 12 ? 2.498   -7.335  -4.215  1.00 0.00 ? 12 LYS H HB3  2 
ATOM 424  H HG2  . LYS A 1 12 ? 2.673   -5.628  -2.319  1.00 0.00 ? 12 LYS H HG2  2 
ATOM 425  H HG3  . LYS A 1 12 ? 4.420   -5.855  -2.409  1.00 0.00 ? 12 LYS H HG3  2 
ATOM 426  H HD2  . LYS A 1 12 ? 2.635   -4.982  -4.701  1.00 0.00 ? 12 LYS H HD2  2 
ATOM 427  H HD3  . LYS A 1 12 ? 3.721   -3.935  -3.788  1.00 0.00 ? 12 LYS H HD3  2 
ATOM 428  H HE2  . LYS A 1 12 ? 5.006   -4.486  -5.674  1.00 0.00 ? 12 LYS H HE2  2 
ATOM 429  H HE3  . LYS A 1 12 ? 5.565   -5.650  -4.475  1.00 0.00 ? 12 LYS H HE3  2 
ATOM 430  H HZ1  . LYS A 1 12 ? 4.317   -6.137  -6.948  1.00 0.00 ? 12 LYS H HZ1  2 
ATOM 431  H HZ2  . LYS A 1 12 ? 3.325   -6.742  -5.707  1.00 0.00 ? 12 LYS H HZ2  2 
ATOM 432  H HZ3  . LYS A 1 12 ? 4.939   -7.258  -5.838  1.00 0.00 ? 12 LYS H HZ3  2 
ATOM 433  N N    . LEU A 1 1  ? 6.755   2.359   -4.625  1.00 0.00 ? 1  LEU H N    3 
ATOM 434  C CA   . LEU A 1 1  ? 6.396   3.801   -4.736  1.00 0.00 ? 1  LEU H CA   3 
ATOM 435  C C    . LEU A 1 1  ? 5.661   4.233   -3.469  1.00 0.00 ? 1  LEU H C    3 
ATOM 436  O O    . LEU A 1 1  ? 5.109   3.403   -2.746  1.00 0.00 ? 1  LEU H O    3 
ATOM 437  C CB   . LEU A 1 1  ? 5.503   4.005   -5.971  1.00 0.00 ? 1  LEU H CB   3 
ATOM 438  C CG   . LEU A 1 1  ? 6.052   5.144   -6.839  1.00 0.00 ? 1  LEU H CG   3 
ATOM 439  C CD1  . LEU A 1 1  ? 5.240   5.236   -8.133  1.00 0.00 ? 1  LEU H CD1  3 
ATOM 440  C CD2  . LEU A 1 1  ? 5.947   6.470   -6.077  1.00 0.00 ? 1  LEU H CD2  3 
ATOM 441  H H1   . LEU A 1 1  ? 7.641   2.181   -5.138  1.00 0.00 ? 1  LEU H H1   3 
ATOM 442  H H2   . LEU A 1 1  ? 5.993   1.781   -5.035  1.00 0.00 ? 1  LEU H H2   3 
ATOM 443  H H3   . LEU A 1 1  ? 6.880   2.109   -3.624  1.00 0.00 ? 1  LEU H H3   3 
ATOM 444  H HA   . LEU A 1 1  ? 7.299   4.384   -4.840  1.00 0.00 ? 1  LEU H HA   3 
ATOM 445  H HB2  . LEU A 1 1  ? 5.485   3.092   -6.550  1.00 0.00 ? 1  LEU H HB2  3 
ATOM 446  H HB3  . LEU A 1 1  ? 4.498   4.247   -5.658  1.00 0.00 ? 1  LEU H HB3  3 
ATOM 447  H HG   . LEU A 1 1  ? 7.087   4.946   -7.079  1.00 0.00 ? 1  LEU H HG   3 
ATOM 448  H HD11 . LEU A 1 1  ? 5.097   4.246   -8.539  1.00 0.00 ? 1  LEU H HD11 3 
ATOM 449  H HD12 . LEU A 1 1  ? 5.773   5.845   -8.849  1.00 0.00 ? 1  LEU H HD12 3 
ATOM 450  H HD13 . LEU A 1 1  ? 4.279   5.683   -7.924  1.00 0.00 ? 1  LEU H HD13 3 
ATOM 451  H HD21 . LEU A 1 1  ? 6.783   6.563   -5.398  1.00 0.00 ? 1  LEU H HD21 3 
ATOM 452  H HD22 . LEU A 1 1  ? 5.025   6.496   -5.516  1.00 0.00 ? 1  LEU H HD22 3 
ATOM 453  H HD23 . LEU A 1 1  ? 5.964   7.292   -6.779  1.00 0.00 ? 1  LEU H HD23 3 
ATOM 454  N N    . LEU A 1 2  ? 5.657   5.536   -3.207  1.00 0.00 ? 2  LEU H N    3 
ATOM 455  C CA   . LEU A 1 2  ? 4.986   6.066   -2.025  1.00 0.00 ? 2  LEU H CA   3 
ATOM 456  C C    . LEU A 1 2  ? 3.474   6.071   -2.231  1.00 0.00 ? 2  LEU H C    3 
ATOM 457  O O    . LEU A 1 2  ? 2.740   5.371   -1.535  1.00 0.00 ? 2  LEU H O    3 
ATOM 458  C CB   . LEU A 1 2  ? 5.480   7.493   -1.744  1.00 0.00 ? 2  LEU H CB   3 
ATOM 459  C CG   . LEU A 1 2  ? 5.341   7.824   -0.251  1.00 0.00 ? 2  LEU H CG   3 
ATOM 460  C CD1  . LEU A 1 2  ? 3.903   7.560   0.204   1.00 0.00 ? 2  LEU H CD1  3 
ATOM 461  C CD2  . LEU A 1 2  ? 6.309   6.962   0.576   1.00 0.00 ? 2  LEU H CD2  3 
ATOM 462  H H    . LEU A 1 2  ? 6.112   6.151   -3.818  1.00 0.00 ? 2  LEU H H    3 
ATOM 463  H HA   . LEU A 1 2  ? 5.223   5.438   -1.181  1.00 0.00 ? 2  LEU H HA   3 
ATOM 464  H HB2  . LEU A 1 2  ? 6.516   7.575   -2.035  1.00 0.00 ? 2  LEU H HB2  3 
ATOM 465  H HB3  . LEU A 1 2  ? 4.893   8.194   -2.320  1.00 0.00 ? 2  LEU H HB3  3 
ATOM 466  H HG   . LEU A 1 2  ? 5.573   8.868   -0.098  1.00 0.00 ? 2  LEU H HG   3 
ATOM 467  H HD11 . LEU A 1 2  ? 3.214   7.965   -0.522  1.00 0.00 ? 2  LEU H HD11 3 
ATOM 468  H HD12 . LEU A 1 2  ? 3.737   8.033   1.161   1.00 0.00 ? 2  LEU H HD12 3 
ATOM 469  H HD13 . LEU A 1 2  ? 3.744   6.497   0.299   1.00 0.00 ? 2  LEU H HD13 3 
ATOM 470  H HD21 . LEU A 1 2  ? 5.800   6.074   0.923   1.00 0.00 ? 2  LEU H HD21 3 
ATOM 471  H HD22 . LEU A 1 2  ? 6.655   7.530   1.425   1.00 0.00 ? 2  LEU H HD22 3 
ATOM 472  H HD23 . LEU A 1 2  ? 7.154   6.676   -0.033  1.00 0.00 ? 2  LEU H HD23 3 
ATOM 473  N N    . GLY A 1 3  ? 3.016   6.866   -3.191  1.00 0.00 ? 3  GLY H N    3 
ATOM 474  C CA   . GLY A 1 3  ? 1.589   6.954   -3.476  1.00 0.00 ? 3  GLY H CA   3 
ATOM 475  C C    . GLY A 1 3  ? 0.953   5.569   -3.505  1.00 0.00 ? 3  GLY H C    3 
ATOM 476  O O    . GLY A 1 3  ? -0.265  5.432   -3.396  1.00 0.00 ? 3  GLY H O    3 
ATOM 477  H H    . GLY A 1 3  ? 3.646   7.403   -3.712  1.00 0.00 ? 3  GLY H H    3 
ATOM 478  H HA2  . GLY A 1 3  ? 1.110   7.550   -2.710  1.00 0.00 ? 3  GLY H HA2  3 
ATOM 479  H HA3  . GLY A 1 3  ? 1.447   7.428   -4.435  1.00 0.00 ? 3  GLY H HA3  3 
ATOM 480  N N    . ASP A 1 4  ? 1.787   4.543   -3.651  1.00 0.00 ? 4  ASP H N    3 
ATOM 481  C CA   . ASP A 1 4  ? 1.296   3.168   -3.690  1.00 0.00 ? 4  ASP H CA   3 
ATOM 482  C C    . ASP A 1 4  ? 1.164   2.607   -2.278  1.00 0.00 ? 4  ASP H C    3 
ATOM 483  O O    . ASP A 1 4  ? 0.267   1.814   -1.994  1.00 0.00 ? 4  ASP H O    3 
ATOM 484  C CB   . ASP A 1 4  ? 2.255   2.293   -4.500  1.00 0.00 ? 4  ASP H CB   3 
ATOM 485  C CG   . ASP A 1 4  ? 2.279   2.753   -5.954  1.00 0.00 ? 4  ASP H CG   3 
ATOM 486  O OD1  . ASP A 1 4  ? 1.970   3.908   -6.195  1.00 0.00 ? 4  ASP H OD1  3 
ATOM 487  O OD2  . ASP A 1 4  ? 2.604   1.942   -6.806  1.00 0.00 ? 4  ASP H OD2  3 
ATOM 488  H H    . ASP A 1 4  ? 2.749   4.713   -3.731  1.00 0.00 ? 4  ASP H H    3 
ATOM 489  H HA   . ASP A 1 4  ? 0.326   3.153   -4.165  1.00 0.00 ? 4  ASP H HA   3 
ATOM 490  H HB2  . ASP A 1 4  ? 3.249   2.372   -4.083  1.00 0.00 ? 4  ASP H HB2  3 
ATOM 491  H HB3  . ASP A 1 4  ? 1.927   1.266   -4.455  1.00 0.00 ? 4  ASP H HB3  3 
ATOM 492  N N    . PHE A 1 5  ? 2.064   3.027   -1.395  1.00 0.00 ? 5  PHE H N    3 
ATOM 493  C CA   . PHE A 1 5  ? 2.043   2.564   -0.012  1.00 0.00 ? 5  PHE H CA   3 
ATOM 494  C C    . PHE A 1 5  ? 0.687   2.855   0.625   1.00 0.00 ? 5  PHE H C    3 
ATOM 495  O O    . PHE A 1 5  ? 0.009   1.950   1.110   1.00 0.00 ? 5  PHE H O    3 
ATOM 496  C CB   . PHE A 1 5  ? 3.160   3.257   0.780   1.00 0.00 ? 5  PHE H CB   3 
ATOM 497  C CG   . PHE A 1 5  ? 2.757   3.425   2.227   1.00 0.00 ? 5  PHE H CG   3 
ATOM 498  C CD1  . PHE A 1 5  ? 2.876   2.350   3.117   1.00 0.00 ? 5  PHE H CD1  3 
ATOM 499  C CD2  . PHE A 1 5  ? 2.266   4.656   2.677   1.00 0.00 ? 5  PHE H CD2  3 
ATOM 500  C CE1  . PHE A 1 5  ? 2.504   2.509   4.458   1.00 0.00 ? 5  PHE H CE1  3 
ATOM 501  C CE2  . PHE A 1 5  ? 1.895   4.814   4.016   1.00 0.00 ? 5  PHE H CE2  3 
ATOM 502  C CZ   . PHE A 1 5  ? 2.014   3.741   4.907   1.00 0.00 ? 5  PHE H CZ   3 
ATOM 503  H H    . PHE A 1 5  ? 2.756   3.660   -1.678  1.00 0.00 ? 5  PHE H H    3 
ATOM 504  H HA   . PHE A 1 5  ? 2.213   1.496   0.003   1.00 0.00 ? 5  PHE H HA   3 
ATOM 505  H HB2  . PHE A 1 5  ? 4.057   2.663   0.726   1.00 0.00 ? 5  PHE H HB2  3 
ATOM 506  H HB3  . PHE A 1 5  ? 3.352   4.227   0.349   1.00 0.00 ? 5  PHE H HB3  3 
ATOM 507  H HD1  . PHE A 1 5  ? 3.254   1.400   2.771   1.00 0.00 ? 5  PHE H HD1  3 
ATOM 508  H HD2  . PHE A 1 5  ? 2.175   5.483   1.990   1.00 0.00 ? 5  PHE H HD2  3 
ATOM 509  H HE1  . PHE A 1 5  ? 2.596   1.681   5.145   1.00 0.00 ? 5  PHE H HE1  3 
ATOM 510  H HE2  . PHE A 1 5  ? 1.517   5.766   4.363   1.00 0.00 ? 5  PHE H HE2  3 
ATOM 511  H HZ   . PHE A 1 5  ? 1.727   3.863   5.941   1.00 0.00 ? 5  PHE H HZ   3 
ATOM 512  N N    . PHE A 1 6  ? 0.300   4.125   0.619   1.00 0.00 ? 6  PHE H N    3 
ATOM 513  C CA   . PHE A 1 6  ? -0.976  4.526   1.203   1.00 0.00 ? 6  PHE H CA   3 
ATOM 514  C C    . PHE A 1 6  ? -2.100  3.621   0.704   1.00 0.00 ? 6  PHE H C    3 
ATOM 515  O O    . PHE A 1 6  ? -3.090  3.404   1.403   1.00 0.00 ? 6  PHE H O    3 
ATOM 516  C CB   . PHE A 1 6  ? -1.287  5.982   0.839   1.00 0.00 ? 6  PHE H CB   3 
ATOM 517  C CG   . PHE A 1 6  ? -0.552  6.913   1.777   1.00 0.00 ? 6  PHE H CG   3 
ATOM 518  C CD1  . PHE A 1 6  ? -0.861  6.917   3.144   1.00 0.00 ? 6  PHE H CD1  3 
ATOM 519  C CD2  . PHE A 1 6  ? 0.436   7.773   1.282   1.00 0.00 ? 6  PHE H CD2  3 
ATOM 520  C CE1  . PHE A 1 6  ? -0.183  7.780   4.013   1.00 0.00 ? 6  PHE H CE1  3 
ATOM 521  C CE2  . PHE A 1 6  ? 1.114   8.637   2.152   1.00 0.00 ? 6  PHE H CE2  3 
ATOM 522  C CZ   . PHE A 1 6  ? 0.805   8.639   3.517   1.00 0.00 ? 6  PHE H CZ   3 
ATOM 523  H H    . PHE A 1 6  ? 0.886   4.803   0.221   1.00 0.00 ? 6  PHE H H    3 
ATOM 524  H HA   . PHE A 1 6  ? -0.911  4.439   2.277   1.00 0.00 ? 6  PHE H HA   3 
ATOM 525  H HB2  . PHE A 1 6  ? -0.975  6.173   -0.177  1.00 0.00 ? 6  PHE H HB2  3 
ATOM 526  H HB3  . PHE A 1 6  ? -2.350  6.156   0.925   1.00 0.00 ? 6  PHE H HB3  3 
ATOM 527  H HD1  . PHE A 1 6  ? -1.623  6.256   3.528   1.00 0.00 ? 6  PHE H HD1  3 
ATOM 528  H HD2  . PHE A 1 6  ? 0.676   7.772   0.229   1.00 0.00 ? 6  PHE H HD2  3 
ATOM 529  H HE1  . PHE A 1 6  ? -0.420  7.782   5.066   1.00 0.00 ? 6  PHE H HE1  3 
ATOM 530  H HE2  . PHE A 1 6  ? 1.875   9.300   1.770   1.00 0.00 ? 6  PHE H HE2  3 
ATOM 531  H HZ   . PHE A 1 6  ? 1.328   9.305   4.187   1.00 0.00 ? 6  PHE H HZ   3 
ATOM 532  N N    . ARG A 1 7  ? -1.942  3.094   -0.508  1.00 0.00 ? 7  ARG H N    3 
ATOM 533  C CA   . ARG A 1 7  ? -2.953  2.212   -1.085  1.00 0.00 ? 7  ARG H CA   3 
ATOM 534  C C    . ARG A 1 7  ? -2.765  0.783   -0.588  1.00 0.00 ? 7  ARG H C    3 
ATOM 535  O O    . ARG A 1 7  ? -3.649  -0.057  -0.752  1.00 0.00 ? 7  ARG H O    3 
ATOM 536  C CB   . ARG A 1 7  ? -2.865  2.238   -2.613  1.00 0.00 ? 7  ARG H CB   3 
ATOM 537  C CG   . ARG A 1 7  ? -3.122  3.659   -3.119  1.00 0.00 ? 7  ARG H CG   3 
ATOM 538  C CD   . ARG A 1 7  ? -3.469  3.619   -4.612  1.00 0.00 ? 7  ARG H CD   3 
ATOM 539  N NE   . ARG A 1 7  ? -2.854  2.460   -5.247  1.00 0.00 ? 7  ARG H NE   3 
ATOM 540  C CZ   . ARG A 1 7  ? -3.262  2.031   -6.437  1.00 0.00 ? 7  ARG H CZ   3 
ATOM 541  N NH1  . ARG A 1 7  ? -4.226  2.654   -7.059  1.00 0.00 ? 7  ARG H NH1  3 
ATOM 542  N NH2  . ARG A 1 7  ? -2.699  0.989   -6.984  1.00 0.00 ? 7  ARG H NH2  3 
ATOM 543  H H    . ARG A 1 7  ? -1.133  3.299   -1.020  1.00 0.00 ? 7  ARG H H    3 
ATOM 544  H HA   . ARG A 1 7  ? -3.932  2.559   -0.788  1.00 0.00 ? 7  ARG H HA   3 
ATOM 545  H HB2  . ARG A 1 7  ? -1.881  1.917   -2.921  1.00 0.00 ? 7  ARG H HB2  3 
ATOM 546  H HB3  . ARG A 1 7  ? -3.607  1.571   -3.026  1.00 0.00 ? 7  ARG H HB3  3 
ATOM 547  H HG2  . ARG A 1 7  ? -3.944  4.095   -2.568  1.00 0.00 ? 7  ARG H HG2  3 
ATOM 548  H HG3  . ARG A 1 7  ? -2.235  4.257   -2.975  1.00 0.00 ? 7  ARG H HG3  3 
ATOM 549  H HD2  . ARG A 1 7  ? -4.542  3.560   -4.728  1.00 0.00 ? 7  ARG H HD2  3 
ATOM 550  H HD3  . ARG A 1 7  ? -3.108  4.519   -5.089  1.00 0.00 ? 7  ARG H HD3  3 
ATOM 551  H HE   . ARG A 1 7  ? -2.130  1.986   -4.787  1.00 0.00 ? 7  ARG H HE   3 
ATOM 552  H HH11 . ARG A 1 7  ? -4.657  3.453   -6.641  1.00 0.00 ? 7  ARG H HH11 3 
ATOM 553  H HH12 . ARG A 1 7  ? -4.533  2.332   -7.955  1.00 0.00 ? 7  ARG H HH12 3 
ATOM 554  H HH21 . ARG A 1 7  ? -1.961  0.512   -6.508  1.00 0.00 ? 7  ARG H HH21 3 
ATOM 555  H HH22 . ARG A 1 7  ? -3.006  0.667   -7.880  1.00 0.00 ? 7  ARG H HH22 3 
ATOM 556  N N    . LYS A 1 8  ? -1.603  0.522   0.017   1.00 0.00 ? 8  LYS H N    3 
ATOM 557  C CA   . LYS A 1 8  ? -1.274  -0.807  0.547   1.00 0.00 ? 8  LYS H CA   3 
ATOM 558  C C    . LYS A 1 8  ? -2.422  -1.797  0.358   1.00 0.00 ? 8  LYS H C    3 
ATOM 559  O O    . LYS A 1 8  ? -3.485  -1.656  0.962   1.00 0.00 ? 8  LYS H O    3 
ATOM 560  C CB   . LYS A 1 8  ? -0.928  -0.704  2.036   1.00 0.00 ? 8  LYS H CB   3 
ATOM 561  C CG   . LYS A 1 8  ? -2.050  0.025   2.785   1.00 0.00 ? 8  LYS H CG   3 
ATOM 562  C CD   . LYS A 1 8  ? -1.520  0.543   4.124   1.00 0.00 ? 8  LYS H CD   3 
ATOM 563  C CE   . LYS A 1 8  ? -2.619  1.330   4.839   1.00 0.00 ? 8  LYS H CE   3 
ATOM 564  N NZ   . LYS A 1 8  ? -3.904  0.581   4.754   1.00 0.00 ? 8  LYS H NZ   3 
ATOM 565  H H    . LYS A 1 8  ? -0.946  1.243   0.109   1.00 0.00 ? 8  LYS H H    3 
ATOM 566  H HA   . LYS A 1 8  ? -0.408  -1.181  0.022   1.00 0.00 ? 8  LYS H HA   3 
ATOM 567  H HB2  . LYS A 1 8  ? -0.809  -1.697  2.445   1.00 0.00 ? 8  LYS H HB2  3 
ATOM 568  H HB3  . LYS A 1 8  ? -0.005  -0.156  2.153   1.00 0.00 ? 8  LYS H HB3  3 
ATOM 569  H HG2  . LYS A 1 8  ? -2.401  0.856   2.192   1.00 0.00 ? 8  LYS H HG2  3 
ATOM 570  H HG3  . LYS A 1 8  ? -2.866  -0.659  2.965   1.00 0.00 ? 8  LYS H HG3  3 
ATOM 571  H HD2  . LYS A 1 8  ? -1.218  -0.293  4.739   1.00 0.00 ? 8  LYS H HD2  3 
ATOM 572  H HD3  . LYS A 1 8  ? -0.673  1.188   3.951   1.00 0.00 ? 8  LYS H HD3  3 
ATOM 573  H HE2  . LYS A 1 8  ? -2.349  1.466   5.875   1.00 0.00 ? 8  LYS H HE2  3 
ATOM 574  H HE3  . LYS A 1 8  ? -2.734  2.296   4.368   1.00 0.00 ? 8  LYS H HE3  3 
ATOM 575  H HZ1  . LYS A 1 8  ? -4.585  0.983   5.430   1.00 0.00 ? 8  LYS H HZ1  3 
ATOM 576  H HZ2  . LYS A 1 8  ? -3.737  -0.420  4.984   1.00 0.00 ? 8  LYS H HZ2  3 
ATOM 577  H HZ3  . LYS A 1 8  ? -4.288  0.657   3.791   1.00 0.00 ? 8  LYS H HZ3  3 
ATOM 578  N N    . SER A 1 9  ? -2.197  -2.797  -0.488  1.00 0.00 ? 9  SER H N    3 
ATOM 579  C CA   . SER A 1 9  ? -3.216  -3.806  -0.753  1.00 0.00 ? 9  SER H CA   3 
ATOM 580  C C    . SER A 1 9  ? -3.630  -4.503  0.538   1.00 0.00 ? 9  SER H C    3 
ATOM 581  O O    . SER A 1 9  ? -4.814  -4.566  0.869   1.00 0.00 ? 9  SER H O    3 
ATOM 582  C CB   . SER A 1 9  ? -2.677  -4.839  -1.745  1.00 0.00 ? 9  SER H CB   3 
ATOM 583  O OG   . SER A 1 9  ? -2.016  -5.874  -1.030  1.00 0.00 ? 9  SER H OG   3 
ATOM 584  H H    . SER A 1 9  ? -1.331  -2.859  -0.941  1.00 0.00 ? 9  SER H H    3 
ATOM 585  H HA   . SER A 1 9  ? -4.080  -3.325  -1.185  1.00 0.00 ? 9  SER H HA   3 
ATOM 586  H HB2  . SER A 1 9  ? -3.494  -5.262  -2.307  1.00 0.00 ? 9  SER H HB2  3 
ATOM 587  H HB3  . SER A 1 9  ? -1.987  -4.358  -2.425  1.00 0.00 ? 9  SER H HB3  3 
ATOM 588  H HG   . SER A 1 9  ? -2.678  -6.508  -0.745  1.00 0.00 ? 9  SER H HG   3 
ATOM 589  N N    . LYS A 1 10 ? -2.647  -5.028  1.264   1.00 0.00 ? 10 LYS H N    3 
ATOM 590  C CA   . LYS A 1 10 ? -2.919  -5.722  2.518   1.00 0.00 ? 10 LYS H CA   3 
ATOM 591  C C    . LYS A 1 10 ? -3.519  -7.099  2.236   1.00 0.00 ? 10 LYS H C    3 
ATOM 592  O O    . LYS A 1 10 ? -4.716  -7.321  2.418   1.00 0.00 ? 10 LYS H O    3 
ATOM 593  C CB   . LYS A 1 10 ? -3.877  -4.882  3.386   1.00 0.00 ? 10 LYS H CB   3 
ATOM 594  C CG   . LYS A 1 10 ? -3.387  -4.853  4.840   1.00 0.00 ? 10 LYS H CG   3 
ATOM 595  C CD   . LYS A 1 10 ? -3.579  -6.232  5.482   1.00 0.00 ? 10 LYS H CD   3 
ATOM 596  C CE   . LYS A 1 10 ? -5.068  -6.489  5.755   1.00 0.00 ? 10 LYS H CE   3 
ATOM 597  N NZ   . LYS A 1 10 ? -5.667  -7.217  4.601   1.00 0.00 ? 10 LYS H NZ   3 
ATOM 598  H H    . LYS A 1 10 ? -1.722  -4.950  0.949   1.00 0.00 ? 10 LYS H H    3 
ATOM 599  H HA   . LYS A 1 10 ? -1.987  -5.854  3.046   1.00 0.00 ? 10 LYS H HA   3 
ATOM 600  H HB2  . LYS A 1 10 ? -3.911  -3.872  3.005   1.00 0.00 ? 10 LYS H HB2  3 
ATOM 601  H HB3  . LYS A 1 10 ? -4.869  -5.306  3.354   1.00 0.00 ? 10 LYS H HB3  3 
ATOM 602  H HG2  . LYS A 1 10 ? -2.340  -4.588  4.863   1.00 0.00 ? 10 LYS H HG2  3 
ATOM 603  H HG3  . LYS A 1 10 ? -3.952  -4.117  5.395   1.00 0.00 ? 10 LYS H HG3  3 
ATOM 604  H HD2  . LYS A 1 10 ? -3.200  -6.992  4.815   1.00 0.00 ? 10 LYS H HD2  3 
ATOM 605  H HD3  . LYS A 1 10 ? -3.033  -6.271  6.413   1.00 0.00 ? 10 LYS H HD3  3 
ATOM 606  H HE2  . LYS A 1 10 ? -5.171  -7.089  6.647   1.00 0.00 ? 10 LYS H HE2  3 
ATOM 607  H HE3  . LYS A 1 10 ? -5.584  -5.550  5.894   1.00 0.00 ? 10 LYS H HE3  3 
ATOM 608  H HZ1  . LYS A 1 10 ? -4.934  -7.784  4.130   1.00 0.00 ? 10 LYS H HZ1  3 
ATOM 609  H HZ2  . LYS A 1 10 ? -6.062  -6.530  3.926   1.00 0.00 ? 10 LYS H HZ2  3 
ATOM 610  H HZ3  . LYS A 1 10 ? -6.422  -7.845  4.941   1.00 0.00 ? 10 LYS H HZ3  3 
ATOM 611  N N    . GLU A 1 11 ? -2.674  -8.019  1.786   1.00 0.00 ? 11 GLU H N    3 
ATOM 612  C CA   . GLU A 1 11 ? -3.121  -9.370  1.477   1.00 0.00 ? 11 GLU H CA   3 
ATOM 613  C C    . GLU A 1 11 ? -3.284  -10.187 2.755   1.00 0.00 ? 11 GLU H C    3 
ATOM 614  O O    . GLU A 1 11 ? -4.181  -9.929  3.559   1.00 0.00 ? 11 GLU H O    3 
ATOM 615  C CB   . GLU A 1 11 ? -2.108  -10.049 0.556   1.00 0.00 ? 11 GLU H CB   3 
ATOM 616  C CG   . GLU A 1 11 ? -2.207  -9.449  -0.848  1.00 0.00 ? 11 GLU H CG   3 
ATOM 617  C CD   . GLU A 1 11 ? -3.504  -9.894  -1.514  1.00 0.00 ? 11 GLU H CD   3 
ATOM 618  O OE1  . GLU A 1 11 ? -3.635  -11.078 -1.780  1.00 0.00 ? 11 GLU H OE1  3 
ATOM 619  O OE2  . GLU A 1 11 ? -4.348  -9.045  -1.749  1.00 0.00 ? 11 GLU H OE2  3 
ATOM 620  H H    . GLU A 1 11 ? -1.732  -7.786  1.655   1.00 0.00 ? 11 GLU H H    3 
ATOM 621  H HA   . GLU A 1 11 ? -4.073  -9.318  0.970   1.00 0.00 ? 11 GLU H HA   3 
ATOM 622  H HB2  . GLU A 1 11 ? -1.111  -9.896  0.945   1.00 0.00 ? 11 GLU H HB2  3 
ATOM 623  H HB3  . GLU A 1 11 ? -2.316  -11.105 0.510   1.00 0.00 ? 11 GLU H HB3  3 
ATOM 624  H HG2  . GLU A 1 11 ? -2.190  -8.371  -0.779  1.00 0.00 ? 11 GLU H HG2  3 
ATOM 625  H HG3  . GLU A 1 11 ? -1.368  -9.783  -1.440  1.00 0.00 ? 11 GLU H HG3  3 
ATOM 626  N N    . LYS A 1 12 ? -2.411  -11.173 2.938   1.00 0.00 ? 12 LYS H N    3 
ATOM 627  C CA   . LYS A 1 12 ? -2.467  -12.022 4.123   1.00 0.00 ? 12 LYS H CA   3 
ATOM 628  C C    . LYS A 1 12 ? -1.994  -11.256 5.354   1.00 0.00 ? 12 LYS H C    3 
ATOM 629  O O    . LYS A 1 12 ? -1.148  -10.389 5.199   1.00 0.00 ? 12 LYS H O    3 
ATOM 630  C CB   . LYS A 1 12 ? -1.592  -13.260 3.921   1.00 0.00 ? 12 LYS H CB   3 
ATOM 631  C CG   . LYS A 1 12 ? -0.179  -12.827 3.525   1.00 0.00 ? 12 LYS H CG   3 
ATOM 632  C CD   . LYS A 1 12 ? 0.706   -14.065 3.360   1.00 0.00 ? 12 LYS H CD   3 
ATOM 633  C CE   . LYS A 1 12 ? 2.013   -13.668 2.671   1.00 0.00 ? 12 LYS H CE   3 
ATOM 634  N NZ   . LYS A 1 12 ? 2.532   -12.409 3.274   1.00 0.00 ? 12 LYS H NZ   3 
ATOM 635  O OXT  . LYS A 1 12 ? -2.482  -11.547 6.433   1.00 0.00 ? 12 LYS H OXT  3 
ATOM 636  H H    . LYS A 1 12 ? -1.718  -11.333 2.264   1.00 0.00 ? 12 LYS H H    3 
ATOM 637  H HA   . LYS A 1 12 ? -3.488  -12.339 4.279   1.00 0.00 ? 12 LYS H HA   3 
ATOM 638  H HB2  . LYS A 1 12 ? -1.552  -13.826 4.841   1.00 0.00 ? 12 LYS H HB2  3 
ATOM 639  H HB3  . LYS A 1 12 ? -2.011  -13.874 3.138   1.00 0.00 ? 12 LYS H HB3  3 
ATOM 640  H HG2  . LYS A 1 12 ? -0.217  -12.284 2.592   1.00 0.00 ? 12 LYS H HG2  3 
ATOM 641  H HG3  . LYS A 1 12 ? 0.233   -12.193 4.296   1.00 0.00 ? 12 LYS H HG3  3 
ATOM 642  H HD2  . LYS A 1 12 ? 0.923   -14.484 4.332   1.00 0.00 ? 12 LYS H HD2  3 
ATOM 643  H HD3  . LYS A 1 12 ? 0.191   -14.797 2.757   1.00 0.00 ? 12 LYS H HD3  3 
ATOM 644  H HE2  . LYS A 1 12 ? 2.741   -14.456 2.802   1.00 0.00 ? 12 LYS H HE2  3 
ATOM 645  H HE3  . LYS A 1 12 ? 1.833   -13.517 1.617   1.00 0.00 ? 12 LYS H HE3  3 
ATOM 646  H HZ1  . LYS A 1 12 ? 2.235   -11.599 2.695   1.00 0.00 ? 12 LYS H HZ1  3 
ATOM 647  H HZ2  . LYS A 1 12 ? 3.571   -12.445 3.312   1.00 0.00 ? 12 LYS H HZ2  3 
ATOM 648  H HZ3  . LYS A 1 12 ? 2.152   -12.302 4.236   1.00 0.00 ? 12 LYS H HZ3  3 
ATOM 649  N N    . LEU A 1 1  ? 1.014   7.901   0.932   1.00 0.00 ? 1  LEU H N    4 
ATOM 650  C CA   . LEU A 1 1  ? 2.118   7.721   1.916   1.00 0.00 ? 1  LEU H CA   4 
ATOM 651  C C    . LEU A 1 1  ? 2.843   6.410   1.626   1.00 0.00 ? 1  LEU H C    4 
ATOM 652  O O    . LEU A 1 1  ? 2.223   5.350   1.551   1.00 0.00 ? 1  LEU H O    4 
ATOM 653  C CB   . LEU A 1 1  ? 1.537   7.695   3.333   1.00 0.00 ? 1  LEU H CB   4 
ATOM 654  C CG   . LEU A 1 1  ? 2.666   7.855   4.361   1.00 0.00 ? 1  LEU H CG   4 
ATOM 655  C CD1  . LEU A 1 1  ? 2.946   9.341   4.600   1.00 0.00 ? 1  LEU H CD1  4 
ATOM 656  C CD2  . LEU A 1 1  ? 2.248   7.204   5.684   1.00 0.00 ? 1  LEU H CD2  4 
ATOM 657  H H1   . LEU A 1 1  ? 1.068   8.855   0.521   1.00 0.00 ? 1  LEU H H1   4 
ATOM 658  H H2   . LEU A 1 1  ? 0.099   7.782   1.414   1.00 0.00 ? 1  LEU H H2   4 
ATOM 659  H H3   . LEU A 1 1  ? 1.102   7.195   0.175   1.00 0.00 ? 1  LEU H H3   4 
ATOM 660  H HA   . LEU A 1 1  ? 2.814   8.540   1.826   1.00 0.00 ? 1  LEU H HA   4 
ATOM 661  H HB2  . LEU A 1 1  ? 0.828   8.503   3.444   1.00 0.00 ? 1  LEU H HB2  4 
ATOM 662  H HB3  . LEU A 1 1  ? 1.035   6.752   3.495   1.00 0.00 ? 1  LEU H HB3  4 
ATOM 663  H HG   . LEU A 1 1  ? 3.562   7.376   3.992   1.00 0.00 ? 1  LEU H HG   4 
ATOM 664  H HD11 . LEU A 1 1  ? 3.705   9.447   5.361   1.00 0.00 ? 1  LEU H HD11 4 
ATOM 665  H HD12 . LEU A 1 1  ? 2.041   9.831   4.925   1.00 0.00 ? 1  LEU H HD12 4 
ATOM 666  H HD13 . LEU A 1 1  ? 3.292   9.796   3.683   1.00 0.00 ? 1  LEU H HD13 4 
ATOM 667  H HD21 . LEU A 1 1  ? 2.939   7.495   6.461   1.00 0.00 ? 1  LEU H HD21 4 
ATOM 668  H HD22 . LEU A 1 1  ? 2.260   6.130   5.575   1.00 0.00 ? 1  LEU H HD22 4 
ATOM 669  H HD23 . LEU A 1 1  ? 1.252   7.530   5.946   1.00 0.00 ? 1  LEU H HD23 4 
ATOM 670  N N    . LEU A 1 2  ? 4.160   6.491   1.464   1.00 0.00 ? 2  LEU H N    4 
ATOM 671  C CA   . LEU A 1 2  ? 4.965   5.306   1.184   1.00 0.00 ? 2  LEU H CA   4 
ATOM 672  C C    . LEU A 1 2  ? 4.485   4.120   2.019   1.00 0.00 ? 2  LEU H C    4 
ATOM 673  O O    . LEU A 1 2  ? 4.062   3.099   1.479   1.00 0.00 ? 2  LEU H O    4 
ATOM 674  C CB   . LEU A 1 2  ? 6.439   5.601   1.498   1.00 0.00 ? 2  LEU H CB   4 
ATOM 675  C CG   . LEU A 1 2  ? 7.360   4.678   0.683   1.00 0.00 ? 2  LEU H CG   4 
ATOM 676  C CD1  . LEU A 1 2  ? 6.992   3.216   0.943   1.00 0.00 ? 2  LEU H CD1  4 
ATOM 677  C CD2  . LEU A 1 2  ? 7.226   4.987   -0.817  1.00 0.00 ? 2  LEU H CD2  4 
ATOM 678  H H    . LEU A 1 2  ? 4.599   7.364   1.536   1.00 0.00 ? 2  LEU H H    4 
ATOM 679  H HA   . LEU A 1 2  ? 4.869   5.060   0.139   1.00 0.00 ? 2  LEU H HA   4 
ATOM 680  H HB2  . LEU A 1 2  ? 6.656   6.630   1.252   1.00 0.00 ? 2  LEU H HB2  4 
ATOM 681  H HB3  . LEU A 1 2  ? 6.619   5.442   2.550   1.00 0.00 ? 2  LEU H HB3  4 
ATOM 682  H HG   . LEU A 1 2  ? 8.383   4.843   0.990   1.00 0.00 ? 2  LEU H HG   4 
ATOM 683  H HD11 . LEU A 1 2  ? 6.103   2.962   0.385   1.00 0.00 ? 2  LEU H HD11 4 
ATOM 684  H HD12 . LEU A 1 2  ? 6.810   3.070   1.998   1.00 0.00 ? 2  LEU H HD12 4 
ATOM 685  H HD13 . LEU A 1 2  ? 7.806   2.580   0.629   1.00 0.00 ? 2  LEU H HD13 4 
ATOM 686  H HD21 . LEU A 1 2  ? 6.902   6.008   -0.953  1.00 0.00 ? 2  LEU H HD21 4 
ATOM 687  H HD22 . LEU A 1 2  ? 6.503   4.319   -1.264  1.00 0.00 ? 2  LEU H HD22 4 
ATOM 688  H HD23 . LEU A 1 2  ? 8.184   4.848   -1.298  1.00 0.00 ? 2  LEU H HD23 4 
ATOM 689  N N    . GLY A 1 3  ? 4.558   4.264   3.336   1.00 0.00 ? 3  GLY H N    4 
ATOM 690  C CA   . GLY A 1 3  ? 4.136   3.199   4.239   1.00 0.00 ? 3  GLY H CA   4 
ATOM 691  C C    . GLY A 1 3  ? 2.812   2.589   3.790   1.00 0.00 ? 3  GLY H C    4 
ATOM 692  O O    . GLY A 1 3  ? 2.453   1.489   4.211   1.00 0.00 ? 3  GLY H O    4 
ATOM 693  H H    . GLY A 1 3  ? 4.909   5.100   3.709   1.00 0.00 ? 3  GLY H H    4 
ATOM 694  H HA2  . GLY A 1 3  ? 4.894   2.429   4.255   1.00 0.00 ? 3  GLY H HA2  4 
ATOM 695  H HA3  . GLY A 1 3  ? 4.019   3.603   5.232   1.00 0.00 ? 3  GLY H HA3  4 
ATOM 696  N N    . ASP A 1 4  ? 2.090   3.305   2.934   1.00 0.00 ? 4  ASP H N    4 
ATOM 697  C CA   . ASP A 1 4  ? 0.809   2.813   2.438   1.00 0.00 ? 4  ASP H CA   4 
ATOM 698  C C    . ASP A 1 4  ? 1.026   1.758   1.357   1.00 0.00 ? 4  ASP H C    4 
ATOM 699  O O    . ASP A 1 4  ? 0.265   0.797   1.249   1.00 0.00 ? 4  ASP H O    4 
ATOM 700  C CB   . ASP A 1 4  ? -0.014  3.971   1.867   1.00 0.00 ? 4  ASP H CB   4 
ATOM 701  C CG   . ASP A 1 4  ? -1.491  3.590   1.819   1.00 0.00 ? 4  ASP H CG   4 
ATOM 702  O OD1  . ASP A 1 4  ? -1.792  2.433   2.062   1.00 0.00 ? 4  ASP H OD1  4 
ATOM 703  O OD2  . ASP A 1 4  ? -2.298  4.461   1.541   1.00 0.00 ? 4  ASP H OD2  4 
ATOM 704  H H    . ASP A 1 4  ? 2.424   4.174   2.629   1.00 0.00 ? 4  ASP H H    4 
ATOM 705  H HA   . ASP A 1 4  ? 0.264   2.367   3.257   1.00 0.00 ? 4  ASP H HA   4 
ATOM 706  H HB2  . ASP A 1 4  ? 0.110   4.842   2.493   1.00 0.00 ? 4  ASP H HB2  4 
ATOM 707  H HB3  . ASP A 1 4  ? 0.327   4.196   0.867   1.00 0.00 ? 4  ASP H HB3  4 
ATOM 708  N N    . PHE A 1 5  ? 2.073   1.947   0.562   1.00 0.00 ? 5  PHE H N    4 
ATOM 709  C CA   . PHE A 1 5  ? 2.391   1.010   -0.509  1.00 0.00 ? 5  PHE H CA   4 
ATOM 710  C C    . PHE A 1 5  ? 2.726   -0.363  0.069   1.00 0.00 ? 5  PHE H C    4 
ATOM 711  O O    . PHE A 1 5  ? 2.071   -1.357  -0.245  1.00 0.00 ? 5  PHE H O    4 
ATOM 712  C CB   . PHE A 1 5  ? 3.577   1.548   -1.323  1.00 0.00 ? 5  PHE H CB   4 
ATOM 713  C CG   . PHE A 1 5  ? 4.388   0.405   -1.890  1.00 0.00 ? 5  PHE H CG   4 
ATOM 714  C CD1  . PHE A 1 5  ? 3.851   -0.401  -2.900  1.00 0.00 ? 5  PHE H CD1  4 
ATOM 715  C CD2  . PHE A 1 5  ? 5.677   0.153   -1.403  1.00 0.00 ? 5  PHE H CD2  4 
ATOM 716  C CE1  . PHE A 1 5  ? 4.603   -1.459  -3.425  1.00 0.00 ? 5  PHE H CE1  4 
ATOM 717  C CE2  . PHE A 1 5  ? 6.429   -0.905  -1.928  1.00 0.00 ? 5  PHE H CE2  4 
ATOM 718  C CZ   . PHE A 1 5  ? 5.893   -1.712  -2.938  1.00 0.00 ? 5  PHE H CZ   4 
ATOM 719  H H    . PHE A 1 5  ? 2.645   2.732   0.698   1.00 0.00 ? 5  PHE H H    4 
ATOM 720  H HA   . PHE A 1 5  ? 1.533   0.916   -1.159  1.00 0.00 ? 5  PHE H HA   4 
ATOM 721  H HB2  . PHE A 1 5  ? 3.206   2.158   -2.132  1.00 0.00 ? 5  PHE H HB2  4 
ATOM 722  H HB3  . PHE A 1 5  ? 4.204   2.149   -0.682  1.00 0.00 ? 5  PHE H HB3  4 
ATOM 723  H HD1  . PHE A 1 5  ? 2.857   -0.208  -3.275  1.00 0.00 ? 5  PHE H HD1  4 
ATOM 724  H HD2  . PHE A 1 5  ? 6.091   0.775   -0.623  1.00 0.00 ? 5  PHE H HD2  4 
ATOM 725  H HE1  . PHE A 1 5  ? 4.190   -2.081  -4.205  1.00 0.00 ? 5  PHE H HE1  4 
ATOM 726  H HE2  . PHE A 1 5  ? 7.423   -1.098  -1.553  1.00 0.00 ? 5  PHE H HE2  4 
ATOM 727  H HZ   . PHE A 1 5  ? 6.473   -2.527  -3.343  1.00 0.00 ? 5  PHE H HZ   4 
ATOM 728  N N    . PHE A 1 6  ? 3.752   -0.409  0.911   1.00 0.00 ? 6  PHE H N    4 
ATOM 729  C CA   . PHE A 1 6  ? 4.169   -1.664  1.526   1.00 0.00 ? 6  PHE H CA   4 
ATOM 730  C C    . PHE A 1 6  ? 2.971   -2.378  2.152   1.00 0.00 ? 6  PHE H C    4 
ATOM 731  O O    . PHE A 1 6  ? 2.786   -3.580  1.961   1.00 0.00 ? 6  PHE H O    4 
ATOM 732  C CB   . PHE A 1 6  ? 5.231   -1.394  2.599   1.00 0.00 ? 6  PHE H CB   4 
ATOM 733  C CG   . PHE A 1 6  ? 6.609   -1.458  1.980   1.00 0.00 ? 6  PHE H CG   4 
ATOM 734  C CD1  . PHE A 1 6  ? 7.241   -2.695  1.805   1.00 0.00 ? 6  PHE H CD1  4 
ATOM 735  C CD2  . PHE A 1 6  ? 7.253   -0.281  1.579   1.00 0.00 ? 6  PHE H CD2  4 
ATOM 736  C CE1  . PHE A 1 6  ? 8.516   -2.756  1.233   1.00 0.00 ? 6  PHE H CE1  4 
ATOM 737  C CE2  . PHE A 1 6  ? 8.529   -0.342  1.005   1.00 0.00 ? 6  PHE H CE2  4 
ATOM 738  C CZ   . PHE A 1 6  ? 9.160   -1.579  0.832   1.00 0.00 ? 6  PHE H CZ   4 
ATOM 739  H H    . PHE A 1 6  ? 4.238   0.417   1.121   1.00 0.00 ? 6  PHE H H    4 
ATOM 740  H HA   . PHE A 1 6  ? 4.592   -2.302  0.764   1.00 0.00 ? 6  PHE H HA   4 
ATOM 741  H HB2  . PHE A 1 6  ? 5.073   -0.413  3.023   1.00 0.00 ? 6  PHE H HB2  4 
ATOM 742  H HB3  . PHE A 1 6  ? 5.157   -2.138  3.379   1.00 0.00 ? 6  PHE H HB3  4 
ATOM 743  H HD1  . PHE A 1 6  ? 6.744   -3.603  2.114   1.00 0.00 ? 6  PHE H HD1  4 
ATOM 744  H HD2  . PHE A 1 6  ? 6.766   0.674   1.714   1.00 0.00 ? 6  PHE H HD2  4 
ATOM 745  H HE1  . PHE A 1 6  ? 9.004   -3.711  1.098   1.00 0.00 ? 6  PHE H HE1  4 
ATOM 746  H HE2  . PHE A 1 6  ? 9.026   0.566   0.697   1.00 0.00 ? 6  PHE H HE2  4 
ATOM 747  H HZ   . PHE A 1 6  ? 10.144  -1.626  0.389   1.00 0.00 ? 6  PHE H HZ   4 
ATOM 748  N N    . ARG A 1 7  ? 2.165   -1.631  2.899   1.00 0.00 ? 7  ARG H N    4 
ATOM 749  C CA   . ARG A 1 7  ? 0.992   -2.209  3.548   1.00 0.00 ? 7  ARG H CA   4 
ATOM 750  C C    . ARG A 1 7  ? 0.005   -2.730  2.508   1.00 0.00 ? 7  ARG H C    4 
ATOM 751  O O    . ARG A 1 7  ? -0.708  -3.704  2.749   1.00 0.00 ? 7  ARG H O    4 
ATOM 752  C CB   . ARG A 1 7  ? 0.307   -1.155  4.426   1.00 0.00 ? 7  ARG H CB   4 
ATOM 753  C CG   . ARG A 1 7  ? 1.041   -1.046  5.766   1.00 0.00 ? 7  ARG H CG   4 
ATOM 754  C CD   . ARG A 1 7  ? 0.363   0.012   6.646   1.00 0.00 ? 7  ARG H CD   4 
ATOM 755  N NE   . ARG A 1 7  ? 1.362   0.805   7.364   1.00 0.00 ? 7  ARG H NE   4 
ATOM 756  C CZ   . ARG A 1 7  ? 2.430   0.250   7.934   1.00 0.00 ? 7  ARG H CZ   4 
ATOM 757  N NH1  . ARG A 1 7  ? 2.582   -1.047  7.932   1.00 0.00 ? 7  ARG H NH1  4 
ATOM 758  N NH2  . ARG A 1 7  ? 3.321   1.004   8.517   1.00 0.00 ? 7  ARG H NH2  4 
ATOM 759  H H    . ARG A 1 7  ? 2.361   -0.679  3.018   1.00 0.00 ? 7  ARG H H    4 
ATOM 760  H HA   . ARG A 1 7  ? 1.308   -3.031  4.172   1.00 0.00 ? 7  ARG H HA   4 
ATOM 761  H HB2  . ARG A 1 7  ? 0.330   -0.200  3.923   1.00 0.00 ? 7  ARG H HB2  4 
ATOM 762  H HB3  . ARG A 1 7  ? -0.718  -1.444  4.603   1.00 0.00 ? 7  ARG H HB3  4 
ATOM 763  H HG2  . ARG A 1 7  ? 1.013   -2.004  6.264   1.00 0.00 ? 7  ARG H HG2  4 
ATOM 764  H HG3  . ARG A 1 7  ? 2.069   -0.762  5.590   1.00 0.00 ? 7  ARG H HG3  4 
ATOM 765  H HD2  . ARG A 1 7  ? -0.217  0.677   6.025   1.00 0.00 ? 7  ARG H HD2  4 
ATOM 766  H HD3  . ARG A 1 7  ? -0.298  -0.479  7.350   1.00 0.00 ? 7  ARG H HD3  4 
ATOM 767  H HE   . ARG A 1 7  ? 1.251   1.778   7.412   1.00 0.00 ? 7  ARG H HE   4 
ATOM 768  H HH11 . ARG A 1 7  ? 1.894   -1.630  7.506   1.00 0.00 ? 7  ARG H HH11 4 
ATOM 769  H HH12 . ARG A 1 7  ? 3.388   -1.455  8.359   1.00 0.00 ? 7  ARG H HH12 4 
ATOM 770  H HH21 . ARG A 1 7  ? 3.199   1.997   8.537   1.00 0.00 ? 7  ARG H HH21 4 
ATOM 771  H HH22 . ARG A 1 7  ? 4.123   0.591   8.945   1.00 0.00 ? 7  ARG H HH22 4 
ATOM 772  N N    . LYS A 1 8  ? -0.031  -2.076  1.351   1.00 0.00 ? 8  LYS H N    4 
ATOM 773  C CA   . LYS A 1 8  ? -0.936  -2.486  0.283   1.00 0.00 ? 8  LYS H CA   4 
ATOM 774  C C    . LYS A 1 8  ? -0.451  -1.960  -1.064  1.00 0.00 ? 8  LYS H C    4 
ATOM 775  O O    . LYS A 1 8  ? -0.217  -0.762  -1.228  1.00 0.00 ? 8  LYS H O    4 
ATOM 776  C CB   . LYS A 1 8  ? -2.348  -1.963  0.563   1.00 0.00 ? 8  LYS H CB   4 
ATOM 777  C CG   . LYS A 1 8  ? -2.275  -0.507  1.029   1.00 0.00 ? 8  LYS H CG   4 
ATOM 778  C CD   . LYS A 1 8  ? -3.685  0.011   1.337   1.00 0.00 ? 8  LYS H CD   4 
ATOM 779  C CE   . LYS A 1 8  ? -4.366  0.474   0.045   1.00 0.00 ? 8  LYS H CE   4 
ATOM 780  N NZ   . LYS A 1 8  ? -5.678  1.100   0.372   1.00 0.00 ? 8  LYS H NZ   4 
ATOM 781  H H    . LYS A 1 8  ? 0.560   -1.307  1.213   1.00 0.00 ? 8  LYS H H    4 
ATOM 782  H HA   . LYS A 1 8  ? -0.967  -3.565  0.244   1.00 0.00 ? 8  LYS H HA   4 
ATOM 783  H HB2  . LYS A 1 8  ? -2.939  -2.025  -0.339  1.00 0.00 ? 8  LYS H HB2  4 
ATOM 784  H HB3  . LYS A 1 8  ? -2.807  -2.563  1.335   1.00 0.00 ? 8  LYS H HB3  4 
ATOM 785  H HG2  . LYS A 1 8  ? -1.669  -0.447  1.923   1.00 0.00 ? 8  LYS H HG2  4 
ATOM 786  H HG3  . LYS A 1 8  ? -1.831  0.099   0.254   1.00 0.00 ? 8  LYS H HG3  4 
ATOM 787  H HD2  . LYS A 1 8  ? -4.269  -0.779  1.787   1.00 0.00 ? 8  LYS H HD2  4 
ATOM 788  H HD3  . LYS A 1 8  ? -3.621  0.843   2.023   1.00 0.00 ? 8  LYS H HD3  4 
ATOM 789  H HE2  . LYS A 1 8  ? -3.738  1.198   -0.453  1.00 0.00 ? 8  LYS H HE2  4 
ATOM 790  H HE3  . LYS A 1 8  ? -4.523  -0.374  -0.604  1.00 0.00 ? 8  LYS H HE3  4 
ATOM 791  H HZ1  . LYS A 1 8  ? -5.521  2.046   0.772   1.00 0.00 ? 8  LYS H HZ1  4 
ATOM 792  H HZ2  . LYS A 1 8  ? -6.180  0.508   1.066   1.00 0.00 ? 8  LYS H HZ2  4 
ATOM 793  H HZ3  . LYS A 1 8  ? -6.248  1.182   -0.492  1.00 0.00 ? 8  LYS H HZ3  4 
ATOM 794  N N    . SER A 1 9  ? -0.302  -2.864  -2.027  1.00 0.00 ? 9  SER H N    4 
ATOM 795  C CA   . SER A 1 9  ? 0.157   -2.482  -3.358  1.00 0.00 ? 9  SER H CA   4 
ATOM 796  C C    . SER A 1 9  ? -0.982  -1.861  -4.161  1.00 0.00 ? 9  SER H C    4 
ATOM 797  O O    . SER A 1 9  ? -0.830  -0.787  -4.744  1.00 0.00 ? 9  SER H O    4 
ATOM 798  C CB   . SER A 1 9  ? 0.694   -3.708  -4.097  1.00 0.00 ? 9  SER H CB   4 
ATOM 799  O OG   . SER A 1 9  ? 0.763   -3.423  -5.488  1.00 0.00 ? 9  SER H OG   4 
ATOM 800  H H    . SER A 1 9  ? -0.504  -3.804  -1.839  1.00 0.00 ? 9  SER H H    4 
ATOM 801  H HA   . SER A 1 9  ? 0.952   -1.759  -3.260  1.00 0.00 ? 9  SER H HA   4 
ATOM 802  H HB2  . SER A 1 9  ? 1.679   -3.947  -3.733  1.00 0.00 ? 9  SER H HB2  4 
ATOM 803  H HB3  . SER A 1 9  ? 0.034   -4.548  -3.923  1.00 0.00 ? 9  SER H HB3  4 
ATOM 804  H HG   . SER A 1 9  ? 0.031   -3.871  -5.919  1.00 0.00 ? 9  SER H HG   4 
ATOM 805  N N    . LYS A 1 10 ? -2.123  -2.543  -4.188  1.00 0.00 ? 10 LYS H N    4 
ATOM 806  C CA   . LYS A 1 10 ? -3.282  -2.049  -4.925  1.00 0.00 ? 10 LYS H CA   4 
ATOM 807  C C    . LYS A 1 10 ? -4.571  -2.626  -4.347  1.00 0.00 ? 10 LYS H C    4 
ATOM 808  O O    . LYS A 1 10 ? -5.313  -1.934  -3.650  1.00 0.00 ? 10 LYS H O    4 
ATOM 809  C CB   . LYS A 1 10 ? -3.163  -2.433  -6.402  1.00 0.00 ? 10 LYS H CB   4 
ATOM 810  C CG   . LYS A 1 10 ? -4.207  -1.669  -7.226  1.00 0.00 ? 10 LYS H CG   4 
ATOM 811  C CD   . LYS A 1 10 ? -3.683  -0.272  -7.573  1.00 0.00 ? 10 LYS H CD   4 
ATOM 812  C CE   . LYS A 1 10 ? -4.588  0.362   -8.631  1.00 0.00 ? 10 LYS H CE   4 
ATOM 813  N NZ   . LYS A 1 10 ? -4.328  -0.275  -9.953  1.00 0.00 ? 10 LYS H NZ   4 
ATOM 814  H H    . LYS A 1 10 ? -2.187  -3.394  -3.705  1.00 0.00 ? 10 LYS H H    4 
ATOM 815  H HA   . LYS A 1 10 ? -3.314  -0.973  -4.845  1.00 0.00 ? 10 LYS H HA   4 
ATOM 816  H HB2  . LYS A 1 10 ? -2.171  -2.192  -6.757  1.00 0.00 ? 10 LYS H HB2  4 
ATOM 817  H HB3  . LYS A 1 10 ? -3.332  -3.495  -6.509  1.00 0.00 ? 10 LYS H HB3  4 
ATOM 818  H HG2  . LYS A 1 10 ? -4.409  -2.211  -8.138  1.00 0.00 ? 10 LYS H HG2  4 
ATOM 819  H HG3  . LYS A 1 10 ? -5.120  -1.577  -6.657  1.00 0.00 ? 10 LYS H HG3  4 
ATOM 820  H HD2  . LYS A 1 10 ? -3.681  0.345   -6.686  1.00 0.00 ? 10 LYS H HD2  4 
ATOM 821  H HD3  . LYS A 1 10 ? -2.679  -0.346  -7.962  1.00 0.00 ? 10 LYS H HD3  4 
ATOM 822  H HE2  . LYS A 1 10 ? -5.622  0.213   -8.357  1.00 0.00 ? 10 LYS H HE2  4 
ATOM 823  H HE3  . LYS A 1 10 ? -4.381  1.420   -8.695  1.00 0.00 ? 10 LYS H HE3  4 
ATOM 824  H HZ1  . LYS A 1 10 ? -5.100  -0.041  -10.609 1.00 0.00 ? 10 LYS H HZ1  4 
ATOM 825  H HZ2  . LYS A 1 10 ? -4.273  -1.307  -9.835  1.00 0.00 ? 10 LYS H HZ2  4 
ATOM 826  H HZ3  . LYS A 1 10 ? -3.430  0.079   -10.338 1.00 0.00 ? 10 LYS H HZ3  4 
ATOM 827  N N    . GLU A 1 11 ? -4.831  -3.896  -4.642  1.00 0.00 ? 11 GLU H N    4 
ATOM 828  C CA   . GLU A 1 11 ? -6.033  -4.552  -4.149  1.00 0.00 ? 11 GLU H CA   4 
ATOM 829  C C    . GLU A 1 11 ? -6.014  -4.631  -2.625  1.00 0.00 ? 11 GLU H C    4 
ATOM 830  O O    . GLU A 1 11 ? -5.423  -3.782  -1.957  1.00 0.00 ? 11 GLU H O    4 
ATOM 831  C CB   . GLU A 1 11 ? -6.132  -5.963  -4.736  1.00 0.00 ? 11 GLU H CB   4 
ATOM 832  C CG   . GLU A 1 11 ? -5.734  -5.938  -6.217  1.00 0.00 ? 11 GLU H CG   4 
ATOM 833  C CD   . GLU A 1 11 ? -4.221  -6.060  -6.358  1.00 0.00 ? 11 GLU H CD   4 
ATOM 834  O OE1  . GLU A 1 11 ? -3.532  -5.801  -5.384  1.00 0.00 ? 11 GLU H OE1  4 
ATOM 835  O OE2  . GLU A 1 11 ? -3.772  -6.410  -7.437  1.00 0.00 ? 11 GLU H OE2  4 
ATOM 836  H H    . GLU A 1 11 ? -4.205  -4.398  -5.202  1.00 0.00 ? 11 GLU H H    4 
ATOM 837  H HA   . GLU A 1 11 ? -6.896  -3.985  -4.460  1.00 0.00 ? 11 GLU H HA   4 
ATOM 838  H HB2  . GLU A 1 11 ? -5.471  -6.626  -4.194  1.00 0.00 ? 11 GLU H HB2  4 
ATOM 839  H HB3  . GLU A 1 11 ? -7.146  -6.315  -4.645  1.00 0.00 ? 11 GLU H HB3  4 
ATOM 840  H HG2  . GLU A 1 11 ? -6.208  -6.765  -6.727  1.00 0.00 ? 11 GLU H HG2  4 
ATOM 841  H HG3  . GLU A 1 11 ? -6.061  -5.010  -6.662  1.00 0.00 ? 11 GLU H HG3  4 
ATOM 842  N N    . LYS A 1 12 ? -6.666  -5.654  -2.082  1.00 0.00 ? 12 LYS H N    4 
ATOM 843  C CA   . LYS A 1 12 ? -6.719  -5.835  -0.638  1.00 0.00 ? 12 LYS H CA   4 
ATOM 844  C C    . LYS A 1 12 ? -5.347  -6.222  -0.096  1.00 0.00 ? 12 LYS H C    4 
ATOM 845  O O    . LYS A 1 12 ? -4.365  -5.696  -0.594  1.00 0.00 ? 12 LYS H O    4 
ATOM 846  C CB   . LYS A 1 12 ? -7.737  -6.923  -0.294  1.00 0.00 ? 12 LYS H CB   4 
ATOM 847  C CG   . LYS A 1 12 ? -9.154  -6.384  -0.508  1.00 0.00 ? 12 LYS H CG   4 
ATOM 848  C CD   . LYS A 1 12 ? -10.178 -7.453  -0.115  1.00 0.00 ? 12 LYS H CD   4 
ATOM 849  C CE   . LYS A 1 12 ? -10.048 -8.665  -1.044  1.00 0.00 ? 12 LYS H CE   4 
ATOM 850  N NZ   . LYS A 1 12 ? -11.347 -9.394  -1.091  1.00 0.00 ? 12 LYS H NZ   4 
ATOM 851  O OXT  . LYS A 1 12 ? -5.297  -7.039  0.809   1.00 0.00 ? 12 LYS H OXT  4 
ATOM 852  H H    . LYS A 1 12 ? -7.119  -6.300  -2.662  1.00 0.00 ? 12 LYS H H    4 
ATOM 853  H HA   . LYS A 1 12 ? -7.030  -4.908  -0.180  1.00 0.00 ? 12 LYS H HA   4 
ATOM 854  H HB2  . LYS A 1 12 ? -7.575  -7.779  -0.932  1.00 0.00 ? 12 LYS H HB2  4 
ATOM 855  H HB3  . LYS A 1 12 ? -7.617  -7.214  0.735   1.00 0.00 ? 12 LYS H HB3  4 
ATOM 856  H HG2  . LYS A 1 12 ? -9.298  -5.505  0.103   1.00 0.00 ? 12 LYS H HG2  4 
ATOM 857  H HG3  . LYS A 1 12 ? -9.288  -6.125  -1.547  1.00 0.00 ? 12 LYS H HG3  4 
ATOM 858  H HD2  . LYS A 1 12 ? -10.000 -7.762  0.905   1.00 0.00 ? 12 LYS H HD2  4 
ATOM 859  H HD3  . LYS A 1 12 ? -11.174 -7.045  -0.198  1.00 0.00 ? 12 LYS H HD3  4 
ATOM 860  H HE2  . LYS A 1 12 ? -9.786  -8.335  -2.039  1.00 0.00 ? 12 LYS H HE2  4 
ATOM 861  H HE3  . LYS A 1 12 ? -9.280  -9.325  -0.670  1.00 0.00 ? 12 LYS H HE3  4 
ATOM 862  H HZ1  . LYS A 1 12 ? -11.517 -9.858  -0.177  1.00 0.00 ? 12 LYS H HZ1  4 
ATOM 863  H HZ2  . LYS A 1 12 ? -11.315 -10.111 -1.845  1.00 0.00 ? 12 LYS H HZ2  4 
ATOM 864  H HZ3  . LYS A 1 12 ? -12.115 -8.721  -1.284  1.00 0.00 ? 12 LYS H HZ3  4 
ATOM 865  N N    . LEU A 1 1  ? -0.722  9.345   5.825   1.00 0.00 ? 1  LEU H N    5 
ATOM 866  C CA   . LEU A 1 1  ? -0.850  7.913   5.432   1.00 0.00 ? 1  LEU H CA   5 
ATOM 867  C C    . LEU A 1 1  ? -1.915  7.783   4.346   1.00 0.00 ? 1  LEU H C    5 
ATOM 868  O O    . LEU A 1 1  ? -3.111  7.814   4.631   1.00 0.00 ? 1  LEU H O    5 
ATOM 869  C CB   . LEU A 1 1  ? -1.249  7.083   6.659   1.00 0.00 ? 1  LEU H CB   5 
ATOM 870  C CG   . LEU A 1 1  ? -0.007  6.746   7.495   1.00 0.00 ? 1  LEU H CG   5 
ATOM 871  C CD1  . LEU A 1 1  ? 0.882   5.742   6.745   1.00 0.00 ? 1  LEU H CD1  5 
ATOM 872  C CD2  . LEU A 1 1  ? 0.787   8.026   7.773   1.00 0.00 ? 1  LEU H CD2  5 
ATOM 873  H H1   . LEU A 1 1  ? -0.851  9.948   4.989   1.00 0.00 ? 1  LEU H H1   5 
ATOM 874  H H2   . LEU A 1 1  ? 0.223   9.509   6.229   1.00 0.00 ? 1  LEU H H2   5 
ATOM 875  H H3   . LEU A 1 1  ? -1.447  9.577   6.533   1.00 0.00 ? 1  LEU H H3   5 
ATOM 876  H HA   . LEU A 1 1  ? 0.094   7.561   5.048   1.00 0.00 ? 1  LEU H HA   5 
ATOM 877  H HB2  . LEU A 1 1  ? -1.943  7.650   7.262   1.00 0.00 ? 1  LEU H HB2  5 
ATOM 878  H HB3  . LEU A 1 1  ? -1.723  6.167   6.336   1.00 0.00 ? 1  LEU H HB3  5 
ATOM 879  H HG   . LEU A 1 1  ? -0.320  6.309   8.433   1.00 0.00 ? 1  LEU H HG   5 
ATOM 880  H HD11 . LEU A 1 1  ? 1.602   6.274   6.140   1.00 0.00 ? 1  LEU H HD11 5 
ATOM 881  H HD12 . LEU A 1 1  ? 0.272   5.117   6.110   1.00 0.00 ? 1  LEU H HD12 5 
ATOM 882  H HD13 . LEU A 1 1  ? 1.404   5.123   7.460   1.00 0.00 ? 1  LEU H HD13 5 
ATOM 883  H HD21 . LEU A 1 1  ? 1.353   8.298   6.895   1.00 0.00 ? 1  LEU H HD21 5 
ATOM 884  H HD22 . LEU A 1 1  ? 1.463   7.858   8.599   1.00 0.00 ? 1  LEU H HD22 5 
ATOM 885  H HD23 . LEU A 1 1  ? 0.106   8.826   8.024   1.00 0.00 ? 1  LEU H HD23 5 
ATOM 886  N N    . LEU A 1 2  ? -1.470  7.637   3.102   1.00 0.00 ? 2  LEU H N    5 
ATOM 887  C CA   . LEU A 1 2  ? -2.396  7.503   1.982   1.00 0.00 ? 2  LEU H CA   5 
ATOM 888  C C    . LEU A 1 2  ? -1.660  7.007   0.739   1.00 0.00 ? 2  LEU H C    5 
ATOM 889  O O    . LEU A 1 2  ? -1.917  5.907   0.251   1.00 0.00 ? 2  LEU H O    5 
ATOM 890  C CB   . LEU A 1 2  ? -3.058  8.856   1.690   1.00 0.00 ? 2  LEU H CB   5 
ATOM 891  C CG   . LEU A 1 2  ? -4.440  8.648   1.052   1.00 0.00 ? 2  LEU H CG   5 
ATOM 892  C CD1  . LEU A 1 2  ? -4.314  7.727   -0.164  1.00 0.00 ? 2  LEU H CD1  5 
ATOM 893  C CD2  . LEU A 1 2  ? -5.406  8.026   2.073   1.00 0.00 ? 2  LEU H CD2  5 
ATOM 894  H H    . LEU A 1 2  ? -0.505  7.620   2.933   1.00 0.00 ? 2  LEU H H    5 
ATOM 895  H HA   . LEU A 1 2  ? -3.157  6.787   2.247   1.00 0.00 ? 2  LEU H HA   5 
ATOM 896  H HB2  . LEU A 1 2  ? -3.168  9.407   2.613   1.00 0.00 ? 2  LEU H HB2  5 
ATOM 897  H HB3  . LEU A 1 2  ? -2.436  9.422   1.013   1.00 0.00 ? 2  LEU H HB3  5 
ATOM 898  H HG   . LEU A 1 2  ? -4.827  9.605   0.731   1.00 0.00 ? 2  LEU H HG   5 
ATOM 899  H HD11 . LEU A 1 2  ? -4.163  6.711   0.167   1.00 0.00 ? 2  LEU H HD11 5 
ATOM 900  H HD12 . LEU A 1 2  ? -3.474  8.038   -0.768  1.00 0.00 ? 2  LEU H HD12 5 
ATOM 901  H HD13 . LEU A 1 2  ? -5.218  7.782   -0.751  1.00 0.00 ? 2  LEU H HD13 5 
ATOM 902  H HD21 . LEU A 1 2  ? -5.408  6.950   1.964   1.00 0.00 ? 2  LEU H HD21 5 
ATOM 903  H HD22 . LEU A 1 2  ? -6.402  8.402   1.898   1.00 0.00 ? 2  LEU H HD22 5 
ATOM 904  H HD23 . LEU A 1 2  ? -5.096  8.285   3.074   1.00 0.00 ? 2  LEU H HD23 5 
ATOM 905  N N    . GLY A 1 3  ? -0.746  7.826   0.233   1.00 0.00 ? 3  GLY H N    5 
ATOM 906  C CA   . GLY A 1 3  ? 0.019   7.460   -0.955  1.00 0.00 ? 3  GLY H CA   5 
ATOM 907  C C    . GLY A 1 3  ? 0.505   6.017   -0.866  1.00 0.00 ? 3  GLY H C    5 
ATOM 908  O O    . GLY A 1 3  ? 0.879   5.415   -1.873  1.00 0.00 ? 3  GLY H O    5 
ATOM 909  H H    . GLY A 1 3  ? -0.586  8.691   0.661   1.00 0.00 ? 3  GLY H H    5 
ATOM 910  H HA2  . GLY A 1 3  ? -0.608  7.572   -1.828  1.00 0.00 ? 3  GLY H HA2  5 
ATOM 911  H HA3  . GLY A 1 3  ? 0.873   8.114   -1.043  1.00 0.00 ? 3  GLY H HA3  5 
ATOM 912  N N    . ASP A 1 4  ? 0.491   5.466   0.344   1.00 0.00 ? 4  ASP H N    5 
ATOM 913  C CA   . ASP A 1 4  ? 0.927   4.089   0.552   1.00 0.00 ? 4  ASP H CA   5 
ATOM 914  C C    . ASP A 1 4  ? -0.207  3.120   0.230   1.00 0.00 ? 4  ASP H C    5 
ATOM 915  O O    . ASP A 1 4  ? 0.021   2.040   -0.313  1.00 0.00 ? 4  ASP H O    5 
ATOM 916  C CB   . ASP A 1 4  ? 1.371   3.896   2.004   1.00 0.00 ? 4  ASP H CB   5 
ATOM 917  C CG   . ASP A 1 4  ? 2.277   5.046   2.430   1.00 0.00 ? 4  ASP H CG   5 
ATOM 918  O OD1  . ASP A 1 4  ? 2.769   5.743   1.557   1.00 0.00 ? 4  ASP H OD1  5 
ATOM 919  O OD2  . ASP A 1 4  ? 2.466   5.215   3.624   1.00 0.00 ? 4  ASP H OD2  5 
ATOM 920  H H    . ASP A 1 4  ? 0.179   5.993   1.109   1.00 0.00 ? 4  ASP H H    5 
ATOM 921  H HA   . ASP A 1 4  ? 1.763   3.882   -0.099  1.00 0.00 ? 4  ASP H HA   5 
ATOM 922  H HB2  . ASP A 1 4  ? 0.502   3.868   2.644   1.00 0.00 ? 4  ASP H HB2  5 
ATOM 923  H HB3  . ASP A 1 4  ? 1.912   2.965   2.093   1.00 0.00 ? 4  ASP H HB3  5 
ATOM 924  N N    . PHE A 1 5  ? -1.428  3.521   0.566   1.00 0.00 ? 5  PHE H N    5 
ATOM 925  C CA   . PHE A 1 5  ? -2.597  2.688   0.306   1.00 0.00 ? 5  PHE H CA   5 
ATOM 926  C C    . PHE A 1 5  ? -2.667  2.326   -1.176  1.00 0.00 ? 5  PHE H C    5 
ATOM 927  O O    . PHE A 1 5  ? -2.685  1.151   -1.540  1.00 0.00 ? 5  PHE H O    5 
ATOM 928  C CB   . PHE A 1 5  ? -3.867  3.439   0.729   1.00 0.00 ? 5  PHE H CB   5 
ATOM 929  C CG   . PHE A 1 5  ? -5.039  3.015   -0.124  1.00 0.00 ? 5  PHE H CG   5 
ATOM 930  C CD1  . PHE A 1 5  ? -5.785  1.883   0.222   1.00 0.00 ? 5  PHE H CD1  5 
ATOM 931  C CD2  . PHE A 1 5  ? -5.381  3.758   -1.260  1.00 0.00 ? 5  PHE H CD2  5 
ATOM 932  C CE1  . PHE A 1 5  ? -6.872  1.494   -0.569  1.00 0.00 ? 5  PHE H CE1  5 
ATOM 933  C CE2  . PHE A 1 5  ? -6.467  3.370   -2.050  1.00 0.00 ? 5  PHE H CE2  5 
ATOM 934  C CZ   . PHE A 1 5  ? -7.214  2.237   -1.705  1.00 0.00 ? 5  PHE H CZ   5 
ATOM 935  H H    . PHE A 1 5  ? -1.547  4.394   0.993   1.00 0.00 ? 5  PHE H H    5 
ATOM 936  H HA   . PHE A 1 5  ? -2.517  1.780   0.885   1.00 0.00 ? 5  PHE H HA   5 
ATOM 937  H HB2  . PHE A 1 5  ? -4.082  3.223   1.763   1.00 0.00 ? 5  PHE H HB2  5 
ATOM 938  H HB3  . PHE A 1 5  ? -3.708  4.499   0.614   1.00 0.00 ? 5  PHE H HB3  5 
ATOM 939  H HD1  . PHE A 1 5  ? -5.521  1.309   1.098   1.00 0.00 ? 5  PHE H HD1  5 
ATOM 940  H HD2  . PHE A 1 5  ? -4.803  4.632   -1.526  1.00 0.00 ? 5  PHE H HD2  5 
ATOM 941  H HE1  . PHE A 1 5  ? -7.447  0.621   -0.301  1.00 0.00 ? 5  PHE H HE1  5 
ATOM 942  H HE2  . PHE A 1 5  ? -6.729  3.944   -2.926  1.00 0.00 ? 5  PHE H HE2  5 
ATOM 943  H HZ   . PHE A 1 5  ? -8.053  1.936   -2.314  1.00 0.00 ? 5  PHE H HZ   5 
ATOM 944  N N    . PHE A 1 6  ? -2.705  3.347   -2.022  1.00 0.00 ? 6  PHE H N    5 
ATOM 945  C CA   . PHE A 1 6  ? -2.772  3.131   -3.464  1.00 0.00 ? 6  PHE H CA   5 
ATOM 946  C C    . PHE A 1 6  ? -1.718  2.117   -3.901  1.00 0.00 ? 6  PHE H C    5 
ATOM 947  O O    . PHE A 1 6  ? -1.951  1.314   -4.805  1.00 0.00 ? 6  PHE H O    5 
ATOM 948  C CB   . PHE A 1 6  ? -2.543  4.453   -4.205  1.00 0.00 ? 6  PHE H CB   5 
ATOM 949  C CG   . PHE A 1 6  ? -3.817  5.266   -4.211  1.00 0.00 ? 6  PHE H CG   5 
ATOM 950  C CD1  . PHE A 1 6  ? -4.946  4.792   -4.889  1.00 0.00 ? 6  PHE H CD1  5 
ATOM 951  C CD2  . PHE A 1 6  ? -3.868  6.497   -3.543  1.00 0.00 ? 6  PHE H CD2  5 
ATOM 952  C CE1  . PHE A 1 6  ? -6.127  5.546   -4.898  1.00 0.00 ? 6  PHE H CE1  5 
ATOM 953  C CE2  . PHE A 1 6  ? -5.047  7.250   -3.552  1.00 0.00 ? 6  PHE H CE2  5 
ATOM 954  C CZ   . PHE A 1 6  ? -6.176  6.775   -4.229  1.00 0.00 ? 6  PHE H CZ   5 
ATOM 955  H H    . PHE A 1 6  ? -2.690  4.263   -1.672  1.00 0.00 ? 6  PHE H H    5 
ATOM 956  H HA   . PHE A 1 6  ? -3.751  2.750   -3.717  1.00 0.00 ? 6  PHE H HA   5 
ATOM 957  H HB2  . PHE A 1 6  ? -1.761  5.010   -3.710  1.00 0.00 ? 6  PHE H HB2  5 
ATOM 958  H HB3  . PHE A 1 6  ? -2.247  4.248   -5.224  1.00 0.00 ? 6  PHE H HB3  5 
ATOM 959  H HD1  . PHE A 1 6  ? -4.909  3.845   -5.405  1.00 0.00 ? 6  PHE H HD1  5 
ATOM 960  H HD2  . PHE A 1 6  ? -2.997  6.864   -3.020  1.00 0.00 ? 6  PHE H HD2  5 
ATOM 961  H HE1  . PHE A 1 6  ? -6.997  5.179   -5.420  1.00 0.00 ? 6  PHE H HE1  5 
ATOM 962  H HE2  . PHE A 1 6  ? -5.086  8.199   -3.037  1.00 0.00 ? 6  PHE H HE2  5 
ATOM 963  H HZ   . PHE A 1 6  ? -7.087  7.358   -4.237  1.00 0.00 ? 6  PHE H HZ   5 
ATOM 964  N N    . ARG A 1 7  ? -0.557  2.161   -3.255  1.00 0.00 ? 7  ARG H N    5 
ATOM 965  C CA   . ARG A 1 7  ? 0.528   1.244   -3.587  1.00 0.00 ? 7  ARG H CA   5 
ATOM 966  C C    . ARG A 1 7  ? 0.243   -0.151  -3.041  1.00 0.00 ? 7  ARG H C    5 
ATOM 967  O O    . ARG A 1 7  ? 0.899   -1.121  -3.421  1.00 0.00 ? 7  ARG H O    5 
ATOM 968  C CB   . ARG A 1 7  ? 1.844   1.764   -3.005  1.00 0.00 ? 7  ARG H CB   5 
ATOM 969  C CG   . ARG A 1 7  ? 2.297   2.996   -3.790  1.00 0.00 ? 7  ARG H CG   5 
ATOM 970  C CD   . ARG A 1 7  ? 3.534   3.600   -3.122  1.00 0.00 ? 7  ARG H CD   5 
ATOM 971  N NE   . ARG A 1 7  ? 4.207   4.514   -4.038  1.00 0.00 ? 7  ARG H NE   5 
ATOM 972  C CZ   . ARG A 1 7  ? 5.113   5.381   -3.598  1.00 0.00 ? 7  ARG H CZ   5 
ATOM 973  N NH1  . ARG A 1 7  ? 5.412   5.424   -2.329  1.00 0.00 ? 7  ARG H NH1  5 
ATOM 974  N NH2  . ARG A 1 7  ? 5.703   6.189   -4.436  1.00 0.00 ? 7  ARG H NH2  5 
ATOM 975  H H    . ARG A 1 7  ? -0.427  2.824   -2.545  1.00 0.00 ? 7  ARG H H    5 
ATOM 976  H HA   . ARG A 1 7  ? 0.621   1.188   -4.661  1.00 0.00 ? 7  ARG H HA   5 
ATOM 977  H HB2  . ARG A 1 7  ? 1.700   2.028   -1.968  1.00 0.00 ? 7  ARG H HB2  5 
ATOM 978  H HB3  . ARG A 1 7  ? 2.599   0.995   -3.080  1.00 0.00 ? 7  ARG H HB3  5 
ATOM 979  H HG2  . ARG A 1 7  ? 2.537   2.711   -4.804  1.00 0.00 ? 7  ARG H HG2  5 
ATOM 980  H HG3  . ARG A 1 7  ? 1.503   3.729   -3.800  1.00 0.00 ? 7  ARG H HG3  5 
ATOM 981  H HD2  . ARG A 1 7  ? 3.234   4.141   -2.237  1.00 0.00 ? 7  ARG H HD2  5 
ATOM 982  H HD3  . ARG A 1 7  ? 4.214   2.807   -2.843  1.00 0.00 ? 7  ARG H HD3  5 
ATOM 983  H HE   . ARG A 1 7  ? 3.988   4.487   -4.992  1.00 0.00 ? 7  ARG H HE   5 
ATOM 984  H HH11 . ARG A 1 7  ? 4.960   4.805   -1.687  1.00 0.00 ? 7  ARG H HH11 5 
ATOM 985  H HH12 . ARG A 1 7  ? 6.093   6.077   -1.998  1.00 0.00 ? 7  ARG H HH12 5 
ATOM 986  H HH21 . ARG A 1 7  ? 5.475   6.155   -5.408  1.00 0.00 ? 7  ARG H HH21 5 
ATOM 987  H HH22 . ARG A 1 7  ? 6.387   6.840   -4.105  1.00 0.00 ? 7  ARG H HH22 5 
ATOM 988  N N    . LYS A 1 8  ? -0.737  -0.246  -2.148  1.00 0.00 ? 8  LYS H N    5 
ATOM 989  C CA   . LYS A 1 8  ? -1.096  -1.531  -1.556  1.00 0.00 ? 8  LYS H CA   5 
ATOM 990  C C    . LYS A 1 8  ? -0.048  -1.950  -0.526  1.00 0.00 ? 8  LYS H C    5 
ATOM 991  O O    . LYS A 1 8  ? 1.143   -1.694  -0.700  1.00 0.00 ? 8  LYS H O    5 
ATOM 992  C CB   . LYS A 1 8  ? -1.207  -2.600  -2.656  1.00 0.00 ? 8  LYS H CB   5 
ATOM 993  C CG   . LYS A 1 8  ? -2.410  -3.513  -2.388  1.00 0.00 ? 8  LYS H CG   5 
ATOM 994  C CD   . LYS A 1 8  ? -2.221  -4.248  -1.055  1.00 0.00 ? 8  LYS H CD   5 
ATOM 995  C CE   . LYS A 1 8  ? -2.950  -5.593  -1.098  1.00 0.00 ? 8  LYS H CE   5 
ATOM 996  N NZ   . LYS A 1 8  ? -2.263  -6.500  -2.060  1.00 0.00 ? 8  LYS H NZ   5 
ATOM 997  H H    . LYS A 1 8  ? -1.226  0.561   -1.882  1.00 0.00 ? 8  LYS H H    5 
ATOM 998  H HA   . LYS A 1 8  ? -2.051  -1.432  -1.064  1.00 0.00 ? 8  LYS H HA   5 
ATOM 999  H HB2  . LYS A 1 8  ? -1.336  -2.115  -3.613  1.00 0.00 ? 8  LYS H HB2  5 
ATOM 1000 H HB3  . LYS A 1 8  ? -0.306  -3.195  -2.678  1.00 0.00 ? 8  LYS H HB3  5 
ATOM 1001 H HG2  . LYS A 1 8  ? -3.311  -2.916  -2.346  1.00 0.00 ? 8  LYS H HG2  5 
ATOM 1002 H HG3  . LYS A 1 8  ? -2.495  -4.235  -3.187  1.00 0.00 ? 8  LYS H HG3  5 
ATOM 1003 H HD2  . LYS A 1 8  ? -1.168  -4.416  -0.880  1.00 0.00 ? 8  LYS H HD2  5 
ATOM 1004 H HD3  . LYS A 1 8  ? -2.627  -3.649  -0.253  1.00 0.00 ? 8  LYS H HD3  5 
ATOM 1005 H HE2  . LYS A 1 8  ? -2.940  -6.038  -0.114  1.00 0.00 ? 8  LYS H HE2  5 
ATOM 1006 H HE3  . LYS A 1 8  ? -3.971  -5.440  -1.412  1.00 0.00 ? 8  LYS H HE3  5 
ATOM 1007 H HZ1  . LYS A 1 8  ? -2.238  -7.464  -1.673  1.00 0.00 ? 8  LYS H HZ1  5 
ATOM 1008 H HZ2  . LYS A 1 8  ? -1.290  -6.163  -2.219  1.00 0.00 ? 8  LYS H HZ2  5 
ATOM 1009 H HZ3  . LYS A 1 8  ? -2.780  -6.504  -2.962  1.00 0.00 ? 8  LYS H HZ3  5 
ATOM 1010 N N    . SER A 1 9  ? -0.500  -2.594  0.546   1.00 0.00 ? 9  SER H N    5 
ATOM 1011 C CA   . SER A 1 9  ? 0.404   -3.041  1.596   1.00 0.00 ? 9  SER H CA   5 
ATOM 1012 C C    . SER A 1 9  ? 1.619   -3.742  0.995   1.00 0.00 ? 9  SER H C    5 
ATOM 1013 O O    . SER A 1 9  ? 2.757   -3.454  1.361   1.00 0.00 ? 9  SER H O    5 
ATOM 1014 C CB   . SER A 1 9  ? -0.333  -3.995  2.534   1.00 0.00 ? 9  SER H CB   5 
ATOM 1015 O OG   . SER A 1 9  ? -1.151  -4.869  1.768   1.00 0.00 ? 9  SER H OG   5 
ATOM 1016 H H    . SER A 1 9  ? -1.459  -2.770  0.634   1.00 0.00 ? 9  SER H H    5 
ATOM 1017 H HA   . SER A 1 9  ? 0.738   -2.183  2.161   1.00 0.00 ? 9  SER H HA   5 
ATOM 1018 H HB2  . SER A 1 9  ? 0.379   -4.575  3.092   1.00 0.00 ? 9  SER H HB2  5 
ATOM 1019 H HB3  . SER A 1 9  ? -0.943  -3.423  3.221   1.00 0.00 ? 9  SER H HB3  5 
ATOM 1020 H HG   . SER A 1 9  ? -0.948  -5.771  2.030   1.00 0.00 ? 9  SER H HG   5 
ATOM 1021 N N    . LYS A 1 10 ? 1.367   -4.663  0.070   1.00 0.00 ? 10 LYS H N    5 
ATOM 1022 C CA   . LYS A 1 10 ? 2.448   -5.398  -0.576  1.00 0.00 ? 10 LYS H CA   5 
ATOM 1023 C C    . LYS A 1 10 ? 3.044   -6.423  0.391   1.00 0.00 ? 10 LYS H C    5 
ATOM 1024 O O    . LYS A 1 10 ? 4.163   -6.262  0.876   1.00 0.00 ? 10 LYS H O    5 
ATOM 1025 C CB   . LYS A 1 10 ? 3.533   -4.413  -1.051  1.00 0.00 ? 10 LYS H CB   5 
ATOM 1026 C CG   . LYS A 1 10 ? 4.088   -4.839  -2.421  1.00 0.00 ? 10 LYS H CG   5 
ATOM 1027 C CD   . LYS A 1 10 ? 5.078   -6.000  -2.253  1.00 0.00 ? 10 LYS H CD   5 
ATOM 1028 C CE   . LYS A 1 10 ? 6.478   -5.454  -1.949  1.00 0.00 ? 10 LYS H CE   5 
ATOM 1029 N NZ   . LYS A 1 10 ? 7.150   -5.071  -3.223  1.00 0.00 ? 10 LYS H NZ   5 
ATOM 1030 H H    . LYS A 1 10 ? 0.439   -4.850  -0.182  1.00 0.00 ? 10 LYS H H    5 
ATOM 1031 H HA   . LYS A 1 10 ? 2.047   -5.921  -1.430  1.00 0.00 ? 10 LYS H HA   5 
ATOM 1032 H HB2  . LYS A 1 10 ? 3.100   -3.427  -1.136  1.00 0.00 ? 10 LYS H HB2  5 
ATOM 1033 H HB3  . LYS A 1 10 ? 4.338   -4.384  -0.333  1.00 0.00 ? 10 LYS H HB3  5 
ATOM 1034 H HG2  . LYS A 1 10 ? 3.273   -5.149  -3.060  1.00 0.00 ? 10 LYS H HG2  5 
ATOM 1035 H HG3  . LYS A 1 10 ? 4.594   -4.000  -2.875  1.00 0.00 ? 10 LYS H HG3  5 
ATOM 1036 H HD2  . LYS A 1 10 ? 4.758   -6.636  -1.443  1.00 0.00 ? 10 LYS H HD2  5 
ATOM 1037 H HD3  . LYS A 1 10 ? 5.113   -6.575  -3.166  1.00 0.00 ? 10 LYS H HD3  5 
ATOM 1038 H HE2  . LYS A 1 10 ? 6.398   -4.586  -1.311  1.00 0.00 ? 10 LYS H HE2  5 
ATOM 1039 H HE3  . LYS A 1 10 ? 7.060   -6.214  -1.450  1.00 0.00 ? 10 LYS H HE3  5 
ATOM 1040 H HZ1  . LYS A 1 10 ? 7.460   -4.081  -3.168  1.00 0.00 ? 10 LYS H HZ1  5 
ATOM 1041 H HZ2  . LYS A 1 10 ? 6.480   -5.182  -4.014  1.00 0.00 ? 10 LYS H HZ2  5 
ATOM 1042 H HZ3  . LYS A 1 10 ? 7.975   -5.684  -3.377  1.00 0.00 ? 10 LYS H HZ3  5 
ATOM 1043 N N    . GLU A 1 11 ? 2.283   -7.478  0.665   1.00 0.00 ? 11 GLU H N    5 
ATOM 1044 C CA   . GLU A 1 11 ? 2.741   -8.526  1.572   1.00 0.00 ? 11 GLU H CA   5 
ATOM 1045 C C    . GLU A 1 11 ? 3.622   -9.527  0.828   1.00 0.00 ? 11 GLU H C    5 
ATOM 1046 O O    . GLU A 1 11 ? 4.532   -9.140  0.094   1.00 0.00 ? 11 GLU H O    5 
ATOM 1047 C CB   . GLU A 1 11 ? 1.537   -9.249  2.186   1.00 0.00 ? 11 GLU H CB   5 
ATOM 1048 C CG   . GLU A 1 11 ? 1.960   -9.949  3.481   1.00 0.00 ? 11 GLU H CG   5 
ATOM 1049 C CD   . GLU A 1 11 ? 0.935   -11.012 3.859   1.00 0.00 ? 11 GLU H CD   5 
ATOM 1050 O OE1  . GLU A 1 11 ? -0.159  -10.970 3.322   1.00 0.00 ? 11 GLU H OE1  5 
ATOM 1051 O OE2  . GLU A 1 11 ? 1.259   -11.854 4.681   1.00 0.00 ? 11 GLU H OE2  5 
ATOM 1052 H H    . GLU A 1 11 ? 1.400   -7.555  0.249   1.00 0.00 ? 11 GLU H H    5 
ATOM 1053 H HA   . GLU A 1 11 ? 3.319   -8.074  2.365   1.00 0.00 ? 11 GLU H HA   5 
ATOM 1054 H HB2  . GLU A 1 11 ? 0.761   -8.528  2.405   1.00 0.00 ? 11 GLU H HB2  5 
ATOM 1055 H HB3  . GLU A 1 11 ? 1.159   -9.981  1.488   1.00 0.00 ? 11 GLU H HB3  5 
ATOM 1056 H HG2  . GLU A 1 11 ? 2.924   -10.416 3.338   1.00 0.00 ? 11 GLU H HG2  5 
ATOM 1057 H HG3  . GLU A 1 11 ? 2.029   -9.222  4.275   1.00 0.00 ? 11 GLU H HG3  5 
ATOM 1058 N N    . LYS A 1 12 ? 3.347   -10.814 1.018   1.00 0.00 ? 12 LYS H N    5 
ATOM 1059 C CA   . LYS A 1 12 ? 4.124   -11.856 0.356   1.00 0.00 ? 12 LYS H CA   5 
ATOM 1060 C C    . LYS A 1 12 ? 3.685   -12.010 -1.097  1.00 0.00 ? 12 LYS H C    5 
ATOM 1061 O O    . LYS A 1 12 ? 2.620   -11.516 -1.428  1.00 0.00 ? 12 LYS H O    5 
ATOM 1062 C CB   . LYS A 1 12 ? 3.948   -13.188 1.087   1.00 0.00 ? 12 LYS H CB   5 
ATOM 1063 C CG   . LYS A 1 12 ? 2.460   -13.439 1.346   1.00 0.00 ? 12 LYS H CG   5 
ATOM 1064 C CD   . LYS A 1 12 ? 2.263   -14.853 1.906   1.00 0.00 ? 12 LYS H CD   5 
ATOM 1065 C CE   . LYS A 1 12 ? 2.611   -15.897 0.837   1.00 0.00 ? 12 LYS H CE   5 
ATOM 1066 N NZ   . LYS A 1 12 ? 4.041   -16.293 0.977   1.00 0.00 ? 12 LYS H NZ   5 
ATOM 1067 O OXT  . LYS A 1 12 ? 4.421   -12.619 -1.855  1.00 0.00 ? 12 LYS H OXT  5 
ATOM 1068 H H    . LYS A 1 12 ? 2.611   -11.067 1.613   1.00 0.00 ? 12 LYS H H    5 
ATOM 1069 H HA   . LYS A 1 12 ? 5.168   -11.582 0.379   1.00 0.00 ? 12 LYS H HA   5 
ATOM 1070 H HB2  . LYS A 1 12 ? 4.349   -13.986 0.479   1.00 0.00 ? 12 LYS H HB2  5 
ATOM 1071 H HB3  . LYS A 1 12 ? 4.475   -13.155 2.029   1.00 0.00 ? 12 LYS H HB3  5 
ATOM 1072 H HG2  . LYS A 1 12 ? 2.095   -12.716 2.061   1.00 0.00 ? 12 LYS H HG2  5 
ATOM 1073 H HG3  . LYS A 1 12 ? 1.911   -13.339 0.422   1.00 0.00 ? 12 LYS H HG3  5 
ATOM 1074 H HD2  . LYS A 1 12 ? 2.906   -14.990 2.764   1.00 0.00 ? 12 LYS H HD2  5 
ATOM 1075 H HD3  . LYS A 1 12 ? 1.233   -14.979 2.206   1.00 0.00 ? 12 LYS H HD3  5 
ATOM 1076 H HE2  . LYS A 1 12 ? 1.985   -16.768 0.967   1.00 0.00 ? 12 LYS H HE2  5 
ATOM 1077 H HE3  . LYS A 1 12 ? 2.448   -15.482 -0.147  1.00 0.00 ? 12 LYS H HE3  5 
ATOM 1078 H HZ1  . LYS A 1 12 ? 4.510   -16.237 0.051   1.00 0.00 ? 12 LYS H HZ1  5 
ATOM 1079 H HZ2  . LYS A 1 12 ? 4.097   -17.268 1.336   1.00 0.00 ? 12 LYS H HZ2  5 
ATOM 1080 H HZ3  . LYS A 1 12 ? 4.516   -15.651 1.642   1.00 0.00 ? 12 LYS H HZ3  5 
# 
